data_7TXT
#
_entry.id   7TXT
#
loop_
_entity.id
_entity.type
_entity.pdbx_description
1 polymer '15B8 Fab heavy chain'
2 polymer '15B8 Fab light chain'
3 polymer 'Sodium-dependent serotonin transporter'
4 non-polymer 1-[4-(4-fluorophenyl)-1,3-thiazol-2-yl]piperazine
#
loop_
_entity_poly.entity_id
_entity_poly.type
_entity_poly.pdbx_seq_one_letter_code
_entity_poly.pdbx_strand_id
1 'polypeptide(L)'
;QVQLQQSGPELVKLGASVRISCKASGYRFSYSWMNWVKQRPGKGLEWIGRIYPGDGDTKYSGKFKGKATLTADKSSSTVY
MQLSSLTSEDSAVYFCARSAYGSEGFAMDYWGQGTSVTVS
;
C
2 'polypeptide(L)'
;DIVLTQSPASLAVSLGQRATISCRASESVDNYGISFLNWFQQKPGQPPKLLIYAASNQGSGVPARFSGSGSGTYFSLNIH
PMEEDDTAVYFCQQTKGVSWTFGGGTKVEIK
;
D
3 'polypeptide(L)'
;GERETWGKKVDFLLSVIGYAVDLGNVWRFPYICYQNGGGAFLLPYTIMAIFGGIPLFYMELALGQYHRNGCISIWRKICP
IFKGIGYAICIIAFYIASYYNTIMAWALYYLISSFTDQLPWTSCKNSWNTGNCTNYFSEDNITWTLHSTSPAEEFYTRHV
LQIHRSKGLQDLGGISWQLALCIMLIFTVIYFSIWKGVKTSGKVVWVTATFPYIILSVLLVRGATLPGAWRGVLFYLKPN
WQKLLETGVWIDAAAQIFFSLGPGFGVLLAFASYNKFNNNCYQDALVTSVVNCMTSFVSGFVIFTVLGYMAEMRNEDVSE
VAKDAGPSLLFITYAEAIANMPASTFFAIIFFLMLITLGLDSTFAGLEGVITAVLDEFPHVWAKRRERFVLAVVITCFFG
SLVTLTFGGAYVVKLLEEYATGPAVLTVALIEAVAVSWFYGITQFCRDVKEMLGFSPGWFWRICWVAISPLFLLFIICSF
LMSPPQLRLFQYNYPYWSIILGYCIGTSSFICIPTYIAYRLIITPGTFKERIIKSITPETP
;
S
#
# COMPACT_ATOMS: atom_id res chain seq x y z
N GLN A 1 -13.09 2.78 35.63
CA GLN A 1 -14.32 3.61 35.63
C GLN A 1 -13.99 5.04 35.19
N VAL A 2 -14.34 5.37 33.95
CA VAL A 2 -14.03 6.70 33.42
C VAL A 2 -14.84 7.74 34.20
N GLN A 3 -14.16 8.77 34.68
CA GLN A 3 -14.79 9.84 35.45
C GLN A 3 -14.17 11.16 35.04
N LEU A 4 -14.98 12.06 34.48
CA LEU A 4 -14.55 13.40 34.12
C LEU A 4 -15.08 14.38 35.17
N GLN A 5 -14.19 14.87 36.02
CA GLN A 5 -14.55 15.76 37.11
C GLN A 5 -14.26 17.19 36.68
N GLN A 6 -15.28 18.03 36.68
CA GLN A 6 -15.16 19.42 36.28
C GLN A 6 -15.09 20.33 37.49
N SER A 7 -14.79 21.61 37.22
CA SER A 7 -14.74 22.61 38.27
C SER A 7 -16.16 22.89 38.79
N GLY A 8 -16.22 23.61 39.91
CA GLY A 8 -17.48 23.98 40.50
C GLY A 8 -18.12 25.14 39.77
N PRO A 9 -19.28 25.55 40.25
CA PRO A 9 -19.96 26.70 39.65
C PRO A 9 -19.08 27.93 39.69
N GLU A 10 -19.12 28.71 38.61
CA GLU A 10 -18.24 29.84 38.40
C GLU A 10 -19.06 31.10 38.15
N LEU A 11 -18.71 32.18 38.85
CA LEU A 11 -19.37 33.48 38.69
C LEU A 11 -18.31 34.51 38.36
N VAL A 12 -18.46 35.17 37.20
CA VAL A 12 -17.47 36.12 36.71
C VAL A 12 -18.17 37.38 36.25
N LYS A 13 -17.40 38.46 36.13
CA LYS A 13 -17.91 39.74 35.69
C LYS A 13 -17.76 39.88 34.18
N LEU A 14 -18.43 40.90 33.63
CA LEU A 14 -18.38 41.14 32.20
C LEU A 14 -16.96 41.48 31.76
N GLY A 15 -16.55 40.91 30.63
CA GLY A 15 -15.26 41.20 30.05
C GLY A 15 -14.09 40.46 30.66
N ALA A 16 -14.32 39.61 31.65
CA ALA A 16 -13.24 38.88 32.29
C ALA A 16 -12.98 37.59 31.52
N SER A 17 -12.14 36.71 32.08
CA SER A 17 -11.86 35.41 31.50
C SER A 17 -11.88 34.37 32.61
N VAL A 18 -12.25 33.13 32.25
CA VAL A 18 -12.46 32.09 33.23
C VAL A 18 -11.73 30.82 32.80
N ARG A 19 -11.21 30.09 33.79
CA ARG A 19 -10.50 28.83 33.61
C ARG A 19 -11.42 27.69 34.07
N ILE A 20 -11.88 26.89 33.13
CA ILE A 20 -12.72 25.73 33.42
C ILE A 20 -11.85 24.48 33.28
N SER A 21 -11.81 23.66 34.33
CA SER A 21 -10.99 22.46 34.34
C SER A 21 -11.86 21.23 34.26
N CYS A 22 -11.30 20.16 33.68
CA CYS A 22 -11.96 18.86 33.59
C CYS A 22 -10.91 17.80 33.83
N LYS A 23 -10.95 17.15 34.98
CA LYS A 23 -9.98 16.11 35.31
C LYS A 23 -10.49 14.77 34.81
N ALA A 24 -9.65 14.06 34.06
CA ALA A 24 -10.01 12.79 33.46
C ALA A 24 -9.38 11.64 34.23
N SER A 25 -10.04 10.49 34.19
CA SER A 25 -9.58 9.30 34.89
C SER A 25 -10.19 8.08 34.24
N GLY A 26 -9.65 6.91 34.56
CA GLY A 26 -10.20 5.65 34.13
C GLY A 26 -9.84 5.24 32.72
N TYR A 27 -9.08 6.05 31.99
CA TYR A 27 -8.69 5.73 30.63
C TYR A 27 -7.37 6.42 30.33
N ARG A 28 -6.69 5.94 29.30
CA ARG A 28 -5.43 6.55 28.91
C ARG A 28 -5.70 7.95 28.35
N PHE A 29 -5.27 8.96 29.11
CA PHE A 29 -5.72 10.33 28.87
C PHE A 29 -5.20 10.87 27.54
N SER A 30 -3.99 10.49 27.14
CA SER A 30 -3.34 11.11 25.99
C SER A 30 -3.95 10.67 24.65
N TYR A 31 -4.83 9.69 24.64
CA TYR A 31 -5.33 9.09 23.41
C TYR A 31 -6.85 9.24 23.30
N SER A 32 -7.38 10.42 23.59
CA SER A 32 -8.81 10.66 23.45
C SER A 32 -9.06 12.15 23.38
N TRP A 33 -9.74 12.59 22.32
CA TRP A 33 -10.12 13.99 22.23
C TRP A 33 -11.02 14.35 23.39
N MET A 34 -10.73 15.46 24.04
CA MET A 34 -11.59 16.03 25.07
C MET A 34 -12.39 17.14 24.42
N ASN A 35 -13.69 16.94 24.29
CA ASN A 35 -14.58 17.92 23.70
C ASN A 35 -15.14 18.84 24.78
N TRP A 36 -15.22 20.12 24.47
CA TRP A 36 -15.88 21.09 25.31
C TRP A 36 -17.12 21.59 24.58
N VAL A 37 -18.26 21.52 25.25
CA VAL A 37 -19.57 21.77 24.67
C VAL A 37 -20.30 22.79 25.52
N LYS A 38 -20.91 23.78 24.87
CA LYS A 38 -21.69 24.81 25.56
C LYS A 38 -23.16 24.44 25.56
N GLN A 39 -23.86 24.85 26.61
CA GLN A 39 -25.30 24.65 26.71
C GLN A 39 -25.88 25.85 27.44
N ARG A 40 -26.51 26.75 26.68
CA ARG A 40 -27.16 27.90 27.30
C ARG A 40 -28.39 27.45 28.06
N PRO A 41 -28.88 28.27 28.99
CA PRO A 41 -29.93 27.80 29.91
C PRO A 41 -31.17 27.24 29.21
N GLY A 42 -31.59 27.84 28.11
CA GLY A 42 -32.81 27.42 27.45
C GLY A 42 -32.60 26.79 26.08
N LYS A 43 -31.37 26.80 25.58
CA LYS A 43 -31.05 26.31 24.26
C LYS A 43 -30.34 24.96 24.34
N GLY A 44 -30.11 24.38 23.17
CA GLY A 44 -29.53 23.06 23.08
C GLY A 44 -28.02 23.07 23.18
N LEU A 45 -27.44 21.88 23.02
CA LEU A 45 -25.99 21.75 23.09
C LEU A 45 -25.33 22.51 21.95
N GLU A 46 -24.11 22.97 22.20
CA GLU A 46 -23.42 23.87 21.28
C GLU A 46 -21.93 23.55 21.37
N TRP A 47 -21.45 22.72 20.44
CA TRP A 47 -20.08 22.28 20.47
C TRP A 47 -19.13 23.48 20.45
N ILE A 48 -18.16 23.47 21.36
CA ILE A 48 -17.20 24.57 21.45
C ILE A 48 -15.91 24.17 20.75
N GLY A 49 -15.34 23.04 21.17
CA GLY A 49 -14.09 22.63 20.56
C GLY A 49 -13.64 21.28 21.09
N ARG A 50 -12.42 20.91 20.72
CA ARG A 50 -11.84 19.65 21.15
C ARG A 50 -10.33 19.81 21.24
N ILE A 51 -9.73 19.01 22.11
CA ILE A 51 -8.28 18.99 22.28
C ILE A 51 -7.81 17.54 22.38
N TYR A 52 -6.79 17.19 21.59
CA TYR A 52 -6.13 15.90 21.72
C TYR A 52 -4.92 16.09 22.63
N PRO A 53 -4.95 15.62 23.87
CA PRO A 53 -3.79 15.82 24.76
C PRO A 53 -2.52 15.16 24.26
N GLY A 54 -2.63 14.03 23.57
CA GLY A 54 -1.45 13.35 23.05
C GLY A 54 -0.55 14.30 22.30
N ASP A 55 -1.06 14.86 21.21
CA ASP A 55 -0.34 15.88 20.45
C ASP A 55 -0.67 17.29 20.94
N GLY A 56 -1.60 17.43 21.88
CA GLY A 56 -2.04 18.76 22.27
C GLY A 56 -2.66 19.54 21.13
N ASP A 57 -3.36 18.85 20.24
CA ASP A 57 -3.90 19.48 19.03
C ASP A 57 -5.32 19.94 19.30
N THR A 58 -5.55 21.25 19.22
CA THR A 58 -6.85 21.84 19.53
C THR A 58 -7.53 22.26 18.23
N LYS A 59 -8.79 21.87 18.09
CA LYS A 59 -9.62 22.29 16.97
C LYS A 59 -10.91 22.87 17.52
N TYR A 60 -11.21 24.11 17.15
CA TYR A 60 -12.32 24.86 17.72
C TYR A 60 -13.42 25.07 16.69
N SER A 61 -14.61 25.38 17.19
CA SER A 61 -15.72 25.72 16.32
C SER A 61 -15.47 27.07 15.66
N GLY A 62 -16.18 27.31 14.56
CA GLY A 62 -16.00 28.56 13.84
C GLY A 62 -16.28 29.77 14.71
N LYS A 63 -17.30 29.69 15.56
CA LYS A 63 -17.73 30.81 16.38
C LYS A 63 -17.12 30.81 17.77
N PHE A 64 -16.19 29.89 18.06
CA PHE A 64 -15.55 29.82 19.37
C PHE A 64 -14.04 29.95 19.30
N LYS A 65 -13.45 30.03 18.11
CA LYS A 65 -12.02 30.26 18.00
C LYS A 65 -11.67 31.63 18.57
N GLY A 66 -10.62 31.69 19.36
CA GLY A 66 -10.25 32.93 20.04
C GLY A 66 -11.04 33.16 21.31
N LYS A 67 -12.37 32.98 21.26
CA LYS A 67 -13.17 33.09 22.46
C LYS A 67 -12.78 32.01 23.47
N ALA A 68 -12.57 30.78 23.00
CA ALA A 68 -12.23 29.66 23.85
C ALA A 68 -10.91 29.05 23.40
N THR A 69 -10.01 28.82 24.35
CA THR A 69 -8.73 28.17 24.06
C THR A 69 -8.57 26.97 24.99
N LEU A 70 -8.27 25.82 24.40
CA LEU A 70 -8.11 24.58 25.14
C LEU A 70 -6.64 24.28 25.38
N THR A 71 -6.36 23.67 26.53
CA THR A 71 -5.02 23.22 26.87
C THR A 71 -5.14 21.92 27.64
N ALA A 72 -4.04 21.17 27.69
CA ALA A 72 -4.02 19.89 28.36
C ALA A 72 -2.82 19.80 29.30
N ASP A 73 -2.97 19.02 30.36
CA ASP A 73 -1.92 18.75 31.32
C ASP A 73 -1.92 17.24 31.57
N LYS A 74 -1.00 16.53 30.89
CA LYS A 74 -0.98 15.08 30.98
C LYS A 74 -0.53 14.62 32.36
N SER A 75 0.31 15.40 33.04
CA SER A 75 0.78 15.00 34.36
C SER A 75 -0.39 14.87 35.33
N SER A 76 -1.30 15.83 35.32
CA SER A 76 -2.49 15.79 36.15
C SER A 76 -3.69 15.19 35.43
N SER A 77 -3.54 14.78 34.17
CA SER A 77 -4.65 14.22 33.40
C SER A 77 -5.84 15.18 33.37
N THR A 78 -5.55 16.47 33.17
CA THR A 78 -6.56 17.51 33.20
C THR A 78 -6.62 18.21 31.86
N VAL A 79 -7.81 18.73 31.53
CA VAL A 79 -8.02 19.54 30.33
C VAL A 79 -8.60 20.87 30.78
N TYR A 80 -7.92 21.95 30.43
CA TYR A 80 -8.31 23.30 30.84
C TYR A 80 -8.86 24.06 29.64
N MET A 81 -9.73 25.02 29.94
CA MET A 81 -10.39 25.83 28.92
C MET A 81 -10.45 27.27 29.39
N GLN A 82 -9.80 28.17 28.67
CA GLN A 82 -9.92 29.60 28.89
C GLN A 82 -11.05 30.15 28.04
N LEU A 83 -12.02 30.80 28.69
CA LEU A 83 -12.99 31.65 28.01
C LEU A 83 -12.55 33.09 28.22
N SER A 84 -12.32 33.80 27.12
CA SER A 84 -11.78 35.15 27.16
C SER A 84 -12.83 36.16 26.76
N SER A 85 -12.72 37.37 27.32
CA SER A 85 -13.65 38.45 27.03
C SER A 85 -15.10 37.98 27.25
N LEU A 86 -15.31 37.32 28.38
CA LEU A 86 -16.63 36.76 28.69
C LEU A 86 -17.68 37.87 28.70
N THR A 87 -18.82 37.58 28.07
CA THR A 87 -19.95 38.49 28.02
C THR A 87 -21.18 37.75 28.54
N SER A 88 -22.32 38.46 28.57
CA SER A 88 -23.54 37.85 29.07
C SER A 88 -23.92 36.63 28.24
N GLU A 89 -23.55 36.61 26.96
CA GLU A 89 -23.88 35.47 26.11
C GLU A 89 -23.20 34.20 26.60
N ASP A 90 -21.95 34.31 27.06
CA ASP A 90 -21.18 33.13 27.44
C ASP A 90 -21.71 32.44 28.69
N SER A 91 -22.60 33.08 29.44
CA SER A 91 -23.17 32.44 30.62
C SER A 91 -23.92 31.19 30.23
N ALA A 92 -23.45 30.03 30.65
CA ALA A 92 -24.02 28.76 30.21
C ALA A 92 -23.35 27.64 31.00
N VAL A 93 -23.77 26.40 30.74
CA VAL A 93 -23.18 25.22 31.34
C VAL A 93 -22.22 24.60 30.33
N TYR A 94 -20.99 24.36 30.75
CA TYR A 94 -19.94 23.84 29.89
C TYR A 94 -19.62 22.41 30.28
N PHE A 95 -19.70 21.49 29.33
CA PHE A 95 -19.45 20.09 29.55
C PHE A 95 -18.16 19.65 28.87
N CYS A 96 -17.45 18.74 29.50
CA CYS A 96 -16.28 18.09 28.92
C CYS A 96 -16.60 16.62 28.68
N ALA A 97 -16.24 16.13 27.50
CA ALA A 97 -16.58 14.77 27.09
C ALA A 97 -15.38 14.06 26.50
N ARG A 98 -15.36 12.74 26.63
CA ARG A 98 -14.16 11.96 26.34
C ARG A 98 -13.96 11.70 24.85
N SER A 99 -15.02 11.67 24.06
CA SER A 99 -14.96 11.56 22.60
C SER A 99 -14.63 10.18 22.08
N ALA A 100 -14.53 9.16 22.93
CA ALA A 100 -14.23 7.80 22.47
C ALA A 100 -13.07 7.81 21.47
N TYR A 101 -13.10 6.90 20.50
CA TYR A 101 -12.06 6.79 19.48
C TYR A 101 -12.66 6.97 18.10
N GLY A 102 -11.79 6.99 17.09
CA GLY A 102 -12.25 7.23 15.73
C GLY A 102 -13.14 6.11 15.22
N SER A 103 -12.81 4.86 15.53
CA SER A 103 -13.60 3.74 15.04
C SER A 103 -15.02 3.78 15.58
N GLU A 104 -15.22 4.33 16.77
CA GLU A 104 -16.55 4.49 17.36
C GLU A 104 -17.18 5.83 17.03
N GLY A 105 -16.84 6.41 15.89
CA GLY A 105 -17.46 7.66 15.48
C GLY A 105 -17.13 8.84 16.35
N PHE A 106 -16.04 8.76 17.13
CA PHE A 106 -15.66 9.84 18.05
C PHE A 106 -16.77 10.15 19.03
N ALA A 107 -17.58 9.15 19.38
CA ALA A 107 -18.72 9.38 20.23
C ALA A 107 -18.27 9.91 21.59
N MET A 108 -18.95 10.96 22.06
CA MET A 108 -18.63 11.60 23.33
C MET A 108 -19.29 10.80 24.45
N ASP A 109 -18.71 9.63 24.71
CA ASP A 109 -19.38 8.64 25.56
C ASP A 109 -19.49 9.13 27.00
N TYR A 110 -18.41 9.64 27.57
CA TYR A 110 -18.37 10.08 28.96
C TYR A 110 -18.35 11.59 29.03
N TRP A 111 -19.14 12.14 29.95
CA TRP A 111 -19.30 13.58 30.10
C TRP A 111 -19.02 13.98 31.54
N GLY A 112 -18.61 15.23 31.72
CA GLY A 112 -18.49 15.80 33.05
C GLY A 112 -19.83 16.30 33.55
N GLN A 113 -19.87 16.60 34.85
CA GLN A 113 -21.11 17.07 35.44
C GLN A 113 -21.50 18.46 34.94
N GLY A 114 -20.56 19.20 34.37
CA GLY A 114 -20.85 20.52 33.85
C GLY A 114 -20.44 21.62 34.79
N THR A 115 -19.91 22.71 34.24
CA THR A 115 -19.54 23.90 35.01
C THR A 115 -20.46 25.03 34.59
N SER A 116 -21.16 25.61 35.57
CA SER A 116 -22.13 26.67 35.32
C SER A 116 -21.42 28.02 35.43
N VAL A 117 -21.13 28.64 34.28
CA VAL A 117 -20.49 29.94 34.24
C VAL A 117 -21.58 31.00 34.13
N THR A 118 -21.59 31.92 35.09
CA THR A 118 -22.55 33.02 35.13
C THR A 118 -21.79 34.33 35.00
N VAL A 119 -22.05 35.06 33.91
CA VAL A 119 -21.36 36.30 33.61
C VAL A 119 -22.25 37.45 34.06
N SER A 120 -21.79 38.21 35.05
CA SER A 120 -22.57 39.32 35.58
C SER A 120 -21.65 40.42 36.10
N ASP B 1 -18.43 23.29 6.80
CA ASP B 1 -19.04 22.95 8.11
C ASP B 1 -20.34 22.17 7.92
N ILE B 2 -20.35 20.91 8.35
CA ILE B 2 -21.53 20.07 8.21
C ILE B 2 -22.61 20.58 9.16
N VAL B 3 -23.82 20.73 8.65
CA VAL B 3 -24.96 21.23 9.41
C VAL B 3 -25.96 20.10 9.55
N LEU B 4 -26.32 19.78 10.78
CA LEU B 4 -27.29 18.73 11.09
C LEU B 4 -28.63 19.38 11.41
N THR B 5 -29.66 19.04 10.64
CA THR B 5 -31.01 19.55 10.82
C THR B 5 -31.86 18.43 11.41
N GLN B 6 -32.41 18.66 12.59
CA GLN B 6 -33.25 17.68 13.25
C GLN B 6 -34.72 17.95 12.95
N SER B 7 -35.53 16.90 13.06
CA SER B 7 -36.95 17.02 12.82
C SER B 7 -37.69 15.92 13.55
N PRO B 8 -38.82 16.21 14.21
CA PRO B 8 -39.39 17.54 14.42
C PRO B 8 -38.71 18.27 15.57
N ALA B 9 -38.89 19.59 15.64
CA ALA B 9 -38.30 20.34 16.75
C ALA B 9 -38.80 19.83 18.09
N SER B 10 -40.11 19.57 18.18
CA SER B 10 -40.72 18.95 19.34
C SER B 10 -41.53 17.76 18.88
N LEU B 11 -41.58 16.73 19.72
CA LEU B 11 -42.23 15.47 19.36
C LEU B 11 -42.95 14.93 20.59
N ALA B 12 -44.23 14.61 20.42
CA ALA B 12 -45.06 14.09 21.50
C ALA B 12 -45.37 12.62 21.21
N VAL B 13 -45.18 11.77 22.22
CA VAL B 13 -45.37 10.33 22.08
C VAL B 13 -46.32 9.85 23.17
N SER B 14 -47.34 9.09 22.76
CA SER B 14 -48.13 8.36 23.74
C SER B 14 -47.28 7.25 24.34
N LEU B 15 -47.38 7.08 25.66
CA LEU B 15 -46.50 6.15 26.35
C LEU B 15 -46.62 4.76 25.74
N GLY B 16 -45.48 4.14 25.43
CA GLY B 16 -45.44 2.85 24.82
C GLY B 16 -45.43 2.85 23.31
N GLN B 17 -45.60 4.01 22.68
CA GLN B 17 -45.61 4.10 21.23
C GLN B 17 -44.17 4.23 20.72
N ARG B 18 -44.02 4.54 19.44
CA ARG B 18 -42.72 4.64 18.80
C ARG B 18 -42.38 6.09 18.54
N ALA B 19 -41.19 6.52 18.96
CA ALA B 19 -40.71 7.88 18.76
C ALA B 19 -39.62 7.86 17.69
N THR B 20 -39.74 8.74 16.71
CA THR B 20 -38.77 8.81 15.62
C THR B 20 -38.25 10.24 15.50
N ILE B 21 -36.93 10.39 15.57
CA ILE B 21 -36.28 11.68 15.39
C ILE B 21 -35.34 11.57 14.20
N SER B 22 -35.51 12.45 13.22
CA SER B 22 -34.75 12.40 11.98
C SER B 22 -33.69 13.48 11.97
N CYS B 23 -32.53 13.15 11.39
CA CYS B 23 -31.41 14.07 11.24
C CYS B 23 -30.97 14.07 9.78
N ARG B 24 -30.83 15.26 9.20
CA ARG B 24 -30.35 15.41 7.84
C ARG B 24 -29.06 16.21 7.86
N ALA B 25 -28.01 15.66 7.27
CA ALA B 25 -26.71 16.33 7.22
C ALA B 25 -26.52 16.97 5.86
N SER B 26 -26.09 18.23 5.86
CA SER B 26 -25.85 18.93 4.60
C SER B 26 -24.80 18.21 3.76
N GLU B 27 -23.94 17.42 4.39
CA GLU B 27 -22.92 16.65 3.70
C GLU B 27 -22.92 15.23 4.25
N SER B 28 -22.44 14.30 3.43
CA SER B 28 -22.29 12.93 3.91
C SER B 28 -21.28 12.89 5.04
N VAL B 29 -21.65 12.22 6.13
CA VAL B 29 -20.77 12.07 7.28
C VAL B 29 -20.07 10.72 7.30
N ASP B 30 -20.39 9.83 6.37
CA ASP B 30 -19.71 8.55 6.31
C ASP B 30 -18.24 8.74 5.99
N ASN B 31 -17.40 7.89 6.58
CA ASN B 31 -15.97 7.90 6.30
C ASN B 31 -15.37 6.61 6.81
N TYR B 32 -14.68 5.89 5.92
CA TYR B 32 -14.08 4.61 6.26
C TYR B 32 -15.14 3.62 6.76
N GLY B 33 -16.35 3.71 6.22
CA GLY B 33 -17.44 2.85 6.62
C GLY B 33 -18.08 3.20 7.94
N ILE B 34 -17.65 4.29 8.57
CA ILE B 34 -18.17 4.74 9.86
C ILE B 34 -19.00 5.98 9.61
N SER B 35 -20.23 5.98 10.14
CA SER B 35 -21.15 7.06 9.84
C SER B 35 -20.71 8.38 10.47
N PHE B 36 -20.05 8.33 11.63
CA PHE B 36 -19.60 9.54 12.31
C PHE B 36 -20.77 10.46 12.63
N LEU B 37 -21.90 9.87 13.00
CA LEU B 37 -23.03 10.63 13.52
C LEU B 37 -23.50 9.94 14.80
N ASN B 38 -23.49 10.68 15.90
CA ASN B 38 -23.78 10.15 17.22
C ASN B 38 -25.08 10.77 17.73
N TRP B 39 -25.80 10.00 18.55
CA TRP B 39 -27.03 10.46 19.15
C TRP B 39 -26.86 10.52 20.66
N PHE B 40 -27.25 11.64 21.25
CA PHE B 40 -27.14 11.87 22.69
C PHE B 40 -28.52 12.18 23.26
N GLN B 41 -28.71 11.78 24.52
CA GLN B 41 -29.94 12.08 25.27
C GLN B 41 -29.59 12.98 26.44
N GLN B 42 -30.42 13.99 26.68
CA GLN B 42 -30.21 14.91 27.79
C GLN B 42 -31.53 15.06 28.55
N LYS B 43 -31.54 14.60 29.80
CA LYS B 43 -32.65 14.89 30.68
C LYS B 43 -32.56 16.34 31.15
N PRO B 44 -33.69 16.94 31.54
CA PRO B 44 -33.63 18.31 32.05
C PRO B 44 -32.72 18.40 33.27
N GLY B 45 -31.73 19.28 33.20
CA GLY B 45 -30.83 19.51 34.32
C GLY B 45 -29.81 18.43 34.55
N GLN B 46 -29.46 17.65 33.54
CA GLN B 46 -28.45 16.62 33.63
C GLN B 46 -27.53 16.70 32.43
N PRO B 47 -26.29 16.20 32.55
CA PRO B 47 -25.39 16.20 31.41
C PRO B 47 -25.92 15.29 30.32
N PRO B 48 -25.62 15.58 29.05
CA PRO B 48 -26.04 14.67 27.98
C PRO B 48 -25.42 13.29 28.18
N LYS B 49 -26.19 12.27 27.80
CA LYS B 49 -25.74 10.88 27.87
C LYS B 49 -25.61 10.35 26.45
N LEU B 50 -24.44 9.79 26.14
CA LEU B 50 -24.28 9.15 24.84
C LEU B 50 -25.34 8.08 24.67
N LEU B 51 -25.98 8.08 23.50
CA LEU B 51 -27.09 7.18 23.24
C LEU B 51 -26.76 6.18 22.15
N ILE B 52 -26.28 6.66 21.01
CA ILE B 52 -25.85 5.81 19.89
C ILE B 52 -24.50 6.34 19.44
N TYR B 53 -23.45 5.51 19.54
CA TYR B 53 -22.10 5.98 19.24
C TYR B 53 -21.72 5.78 17.78
N ALA B 54 -22.69 5.61 16.91
CA ALA B 54 -22.50 5.60 15.47
C ALA B 54 -23.84 5.89 14.85
N ALA B 55 -23.99 5.61 13.55
CA ALA B 55 -25.33 5.63 12.98
C ALA B 55 -26.24 4.64 13.69
N SER B 56 -25.68 3.52 14.15
CA SER B 56 -26.49 2.41 14.65
C SER B 56 -26.06 1.92 16.03
N ASN B 57 -24.76 1.93 16.33
CA ASN B 57 -24.27 1.21 17.50
C ASN B 57 -24.85 1.77 18.80
N GLN B 58 -25.22 0.86 19.70
CA GLN B 58 -25.85 1.25 20.96
C GLN B 58 -24.81 1.73 21.95
N GLY B 59 -25.06 2.90 22.55
CA GLY B 59 -24.15 3.39 23.57
C GLY B 59 -24.08 2.45 24.76
N SER B 60 -22.91 2.40 25.37
CA SER B 60 -22.68 1.49 26.49
C SER B 60 -23.67 1.77 27.61
N GLY B 61 -24.42 0.74 27.99
CA GLY B 61 -25.44 0.88 29.02
C GLY B 61 -26.76 1.43 28.53
N VAL B 62 -26.89 1.73 27.24
CA VAL B 62 -28.14 2.27 26.71
C VAL B 62 -29.14 1.12 26.54
N PRO B 63 -30.38 1.28 26.96
CA PRO B 63 -31.36 0.19 26.80
C PRO B 63 -31.61 -0.11 25.33
N ALA B 64 -31.98 -1.36 25.07
CA ALA B 64 -32.13 -1.82 23.69
C ALA B 64 -33.26 -1.10 22.95
N ARG B 65 -34.16 -0.42 23.66
CA ARG B 65 -35.28 0.22 22.99
C ARG B 65 -34.78 1.31 22.04
N PHE B 66 -33.79 2.09 22.47
CA PHE B 66 -33.17 3.07 21.59
C PHE B 66 -32.43 2.38 20.46
N SER B 67 -32.59 2.88 19.24
CA SER B 67 -31.94 2.29 18.09
C SER B 67 -31.67 3.35 17.04
N GLY B 68 -30.42 3.47 16.61
CA GLY B 68 -30.07 4.36 15.54
C GLY B 68 -30.03 3.64 14.20
N SER B 69 -30.25 4.41 13.14
CA SER B 69 -30.24 3.84 11.80
C SER B 69 -29.95 4.96 10.81
N GLY B 70 -29.73 4.57 9.56
CA GLY B 70 -29.42 5.51 8.50
C GLY B 70 -27.95 5.54 8.18
N SER B 71 -27.61 6.37 7.20
CA SER B 71 -26.24 6.46 6.72
C SER B 71 -26.15 7.57 5.70
N GLY B 72 -24.94 8.09 5.53
CA GLY B 72 -24.71 9.15 4.57
C GLY B 72 -25.18 10.49 5.09
N THR B 73 -26.29 11.00 4.55
CA THR B 73 -26.83 12.29 4.94
C THR B 73 -28.07 12.20 5.81
N TYR B 74 -28.75 11.05 5.84
CA TYR B 74 -29.99 10.89 6.57
C TYR B 74 -29.81 9.84 7.66
N PHE B 75 -30.18 10.20 8.89
CA PHE B 75 -30.09 9.30 10.04
C PHE B 75 -31.37 9.41 10.84
N SER B 76 -31.62 8.41 11.67
CA SER B 76 -32.84 8.36 12.46
C SER B 76 -32.56 7.69 13.80
N LEU B 77 -33.24 8.18 14.84
CA LEU B 77 -33.24 7.57 16.15
C LEU B 77 -34.66 7.12 16.46
N ASN B 78 -34.81 5.87 16.90
CA ASN B 78 -36.11 5.27 17.16
C ASN B 78 -36.15 4.76 18.58
N ILE B 79 -37.23 5.09 19.28
CA ILE B 79 -37.46 4.66 20.66
C ILE B 79 -38.72 3.83 20.67
N HIS B 80 -38.60 2.56 21.07
CA HIS B 80 -39.76 1.67 21.11
C HIS B 80 -39.50 0.55 22.11
N PRO B 81 -40.29 0.44 23.19
CA PRO B 81 -41.39 1.32 23.60
C PRO B 81 -40.90 2.61 24.25
N MET B 82 -41.64 3.69 24.08
CA MET B 82 -41.26 4.97 24.68
C MET B 82 -41.73 4.97 26.13
N GLU B 83 -40.81 4.68 27.04
CA GLU B 83 -41.13 4.70 28.46
C GLU B 83 -41.15 6.13 28.98
N GLU B 84 -41.79 6.31 30.14
CA GLU B 84 -41.88 7.64 30.73
C GLU B 84 -40.52 8.22 31.07
N ASP B 85 -39.49 7.37 31.17
CA ASP B 85 -38.14 7.84 31.49
C ASP B 85 -37.42 8.42 30.29
N ASP B 86 -37.96 8.27 29.08
CA ASP B 86 -37.27 8.70 27.87
C ASP B 86 -37.61 10.14 27.48
N THR B 87 -38.55 10.79 28.15
CA THR B 87 -38.85 12.19 27.84
C THR B 87 -37.60 13.04 28.09
N ALA B 88 -37.05 13.61 27.03
CA ALA B 88 -35.75 14.29 27.13
C ALA B 88 -35.50 15.01 25.81
N VAL B 89 -34.34 15.64 25.71
CA VAL B 89 -33.92 16.29 24.47
C VAL B 89 -32.85 15.43 23.81
N TYR B 90 -33.10 15.04 22.56
CA TYR B 90 -32.21 14.15 21.82
C TYR B 90 -31.47 14.95 20.77
N PHE B 91 -30.14 14.90 20.83
CA PHE B 91 -29.28 15.65 19.92
C PHE B 91 -28.52 14.69 19.02
N CYS B 92 -28.11 15.20 17.87
CA CYS B 92 -27.28 14.46 16.93
C CYS B 92 -26.04 15.28 16.63
N GLN B 93 -24.88 14.66 16.80
CA GLN B 93 -23.60 15.32 16.58
C GLN B 93 -22.87 14.62 15.45
N GLN B 94 -22.45 15.39 14.45
CA GLN B 94 -21.61 14.86 13.38
C GLN B 94 -20.16 15.01 13.80
N THR B 95 -19.41 13.91 13.78
CA THR B 95 -17.99 13.93 14.06
C THR B 95 -17.16 13.79 12.78
N LYS B 96 -17.73 14.16 11.64
CA LYS B 96 -17.05 13.99 10.36
C LYS B 96 -16.08 15.15 10.10
N GLY B 97 -16.60 16.38 10.06
CA GLY B 97 -15.80 17.52 9.68
C GLY B 97 -14.87 17.97 10.79
N VAL B 98 -14.16 19.05 10.50
CA VAL B 98 -13.25 19.64 11.48
C VAL B 98 -14.02 20.05 12.73
N SER B 99 -15.16 20.71 12.54
CA SER B 99 -16.03 21.10 13.63
C SER B 99 -17.17 20.10 13.75
N TRP B 100 -17.36 19.57 14.95
CA TRP B 100 -18.37 18.53 15.19
C TRP B 100 -19.66 19.18 15.68
N THR B 101 -20.32 19.85 14.75
CA THR B 101 -21.53 20.59 15.08
C THR B 101 -22.59 19.66 15.66
N PHE B 102 -23.29 20.14 16.68
CA PHE B 102 -24.41 19.41 17.25
C PHE B 102 -25.66 19.63 16.42
N GLY B 103 -26.68 18.82 16.69
CA GLY B 103 -27.97 19.00 16.06
C GLY B 103 -28.83 20.01 16.79
N GLY B 104 -29.97 20.35 16.16
CA GLY B 104 -30.88 21.30 16.76
C GLY B 104 -31.57 20.80 18.00
N GLY B 105 -31.61 19.48 18.20
CA GLY B 105 -32.24 18.91 19.37
C GLY B 105 -33.73 18.72 19.21
N THR B 106 -34.22 17.53 19.57
CA THR B 106 -35.63 17.20 19.49
C THR B 106 -36.14 16.93 20.89
N LYS B 107 -37.15 17.66 21.32
CA LYS B 107 -37.71 17.51 22.66
C LYS B 107 -38.83 16.49 22.62
N VAL B 108 -38.54 15.27 23.08
CA VAL B 108 -39.51 14.18 23.12
C VAL B 108 -40.18 14.21 24.48
N GLU B 109 -41.51 14.35 24.47
CA GLU B 109 -42.30 14.44 25.68
C GLU B 109 -43.48 13.48 25.59
N ILE B 110 -43.87 12.92 26.73
CA ILE B 110 -44.94 11.94 26.75
C ILE B 110 -46.28 12.63 26.57
N LYS B 111 -47.08 12.12 25.65
CA LYS B 111 -48.40 12.69 25.37
C LYS B 111 -49.39 12.29 26.45
N GLY C 1 16.21 -3.00 -42.35
CA GLY C 1 14.96 -2.66 -41.62
C GLY C 1 15.05 -1.32 -40.91
N GLU C 2 13.98 -0.54 -41.00
CA GLU C 2 13.92 0.79 -40.36
C GLU C 2 13.38 0.66 -38.94
N ARG C 3 14.07 -0.15 -38.15
CA ARG C 3 13.69 -0.35 -36.75
C ARG C 3 14.23 0.77 -35.88
N GLU C 4 13.48 1.10 -34.84
CA GLU C 4 13.91 2.11 -33.88
C GLU C 4 15.13 1.63 -33.12
N THR C 5 15.95 2.57 -32.68
CA THR C 5 17.13 2.27 -31.89
C THR C 5 17.23 3.26 -30.73
N TRP C 6 17.89 2.81 -29.67
CA TRP C 6 18.10 3.68 -28.51
C TRP C 6 18.81 4.95 -28.93
N GLY C 7 18.32 6.10 -28.44
CA GLY C 7 18.98 7.36 -28.74
C GLY C 7 20.42 7.38 -28.29
N LYS C 8 20.68 6.78 -27.13
CA LYS C 8 22.03 6.73 -26.57
C LYS C 8 22.22 5.40 -25.86
N LYS C 9 23.48 5.01 -25.69
CA LYS C 9 23.78 3.79 -24.95
C LYS C 9 23.32 3.93 -23.50
N VAL C 10 23.52 5.10 -22.91
CA VAL C 10 23.07 5.34 -21.54
C VAL C 10 21.57 5.13 -21.43
N ASP C 11 20.82 5.46 -22.48
CA ASP C 11 19.38 5.22 -22.45
C ASP C 11 19.07 3.75 -22.22
N PHE C 12 19.72 2.87 -22.99
CA PHE C 12 19.48 1.44 -22.83
C PHE C 12 19.95 0.96 -21.46
N LEU C 13 21.12 1.40 -21.04
CA LEU C 13 21.65 0.93 -19.76
C LEU C 13 20.72 1.33 -18.61
N LEU C 14 20.26 2.58 -18.63
CA LEU C 14 19.36 3.05 -17.58
C LEU C 14 18.00 2.39 -17.67
N SER C 15 17.52 2.11 -18.88
CA SER C 15 16.25 1.39 -19.01
C SER C 15 16.35 0.00 -18.38
N VAL C 16 17.45 -0.71 -18.66
CA VAL C 16 17.63 -2.04 -18.10
C VAL C 16 17.79 -1.97 -16.58
N ILE C 17 18.57 -1.00 -16.09
CA ILE C 17 18.79 -0.88 -14.66
C ILE C 17 17.48 -0.55 -13.95
N GLY C 18 16.69 0.35 -14.51
CA GLY C 18 15.40 0.65 -13.92
C GLY C 18 14.45 -0.53 -13.96
N TYR C 19 14.49 -1.30 -15.05
CA TYR C 19 13.67 -2.50 -15.13
C TYR C 19 14.01 -3.47 -14.01
N ALA C 20 15.30 -3.78 -13.86
CA ALA C 20 15.72 -4.76 -12.87
C ALA C 20 15.66 -4.22 -11.44
N VAL C 21 15.75 -2.91 -11.26
CA VAL C 21 15.77 -2.29 -9.94
C VAL C 21 14.35 -1.82 -9.64
N ASP C 22 13.60 -2.63 -8.91
CA ASP C 22 12.25 -2.31 -8.50
C ASP C 22 12.18 -2.29 -6.98
N LEU C 23 10.95 -2.19 -6.46
CA LEU C 23 10.77 -2.17 -5.01
C LEU C 23 11.23 -3.47 -4.37
N GLY C 24 11.34 -4.55 -5.14
CA GLY C 24 11.88 -5.78 -4.61
C GLY C 24 13.31 -5.66 -4.13
N ASN C 25 14.13 -4.86 -4.82
CA ASN C 25 15.48 -4.61 -4.34
C ASN C 25 15.49 -3.97 -2.97
N VAL C 26 14.42 -3.26 -2.62
CA VAL C 26 14.39 -2.44 -1.41
C VAL C 26 13.77 -3.20 -0.24
N TRP C 27 12.68 -3.94 -0.46
CA TRP C 27 11.96 -4.57 0.65
C TRP C 27 11.88 -6.09 0.56
N ARG C 28 12.03 -6.68 -0.63
CA ARG C 28 12.15 -8.13 -0.73
C ARG C 28 13.52 -8.61 -0.27
N PHE C 29 14.58 -8.17 -0.95
CA PHE C 29 15.90 -8.74 -0.71
C PHE C 29 16.37 -8.52 0.73
N PRO C 30 16.24 -7.35 1.32
CA PRO C 30 16.74 -7.18 2.70
C PRO C 30 16.02 -8.05 3.71
N TYR C 31 14.69 -8.13 3.62
CA TYR C 31 13.96 -9.02 4.51
C TYR C 31 14.36 -10.47 4.30
N ILE C 32 14.48 -10.89 3.04
CA ILE C 32 14.84 -12.28 2.76
C ILE C 32 16.25 -12.56 3.28
N CYS C 33 17.16 -11.60 3.12
CA CYS C 33 18.53 -11.77 3.58
C CYS C 33 18.59 -11.89 5.09
N TYR C 34 17.86 -11.03 5.81
CA TYR C 34 17.85 -11.11 7.26
C TYR C 34 17.23 -12.41 7.74
N GLN C 35 16.14 -12.84 7.10
CA GLN C 35 15.49 -14.08 7.49
C GLN C 35 16.38 -15.30 7.22
N ASN C 36 17.15 -15.26 6.13
CA ASN C 36 17.93 -16.42 5.67
C ASN C 36 19.40 -16.30 6.06
N GLY C 37 19.69 -15.72 7.22
CA GLY C 37 21.03 -15.69 7.75
C GLY C 37 21.80 -14.41 7.53
N GLY C 38 21.18 -13.38 6.99
CA GLY C 38 21.87 -12.11 6.83
C GLY C 38 23.07 -12.27 5.91
N GLY C 39 24.26 -12.07 6.47
CA GLY C 39 25.46 -12.13 5.65
C GLY C 39 25.62 -13.45 4.95
N ALA C 40 25.27 -14.55 5.62
CA ALA C 40 25.37 -15.86 5.00
C ALA C 40 24.55 -15.93 3.72
N PHE C 41 23.41 -15.24 3.68
CA PHE C 41 22.56 -15.27 2.50
C PHE C 41 23.24 -14.62 1.30
N LEU C 42 24.27 -13.81 1.52
CA LEU C 42 25.00 -13.26 0.38
C LEU C 42 25.76 -14.34 -0.38
N LEU C 43 25.99 -15.51 0.25
CA LEU C 43 26.68 -16.58 -0.47
C LEU C 43 25.73 -17.29 -1.43
N PRO C 44 24.55 -17.74 -1.02
CA PRO C 44 23.58 -18.22 -2.04
C PRO C 44 23.26 -17.16 -3.08
N TYR C 45 22.85 -15.96 -2.64
CA TYR C 45 22.47 -14.92 -3.58
C TYR C 45 23.52 -14.72 -4.65
N THR C 46 24.78 -14.62 -4.24
CA THR C 46 25.85 -14.48 -5.22
C THR C 46 25.95 -15.71 -6.11
N ILE C 47 26.01 -16.90 -5.52
CA ILE C 47 26.20 -18.11 -6.31
C ILE C 47 25.07 -18.26 -7.31
N MET C 48 23.82 -18.21 -6.84
CA MET C 48 22.69 -18.38 -7.73
C MET C 48 22.53 -17.20 -8.66
N ALA C 49 23.27 -16.11 -8.42
CA ALA C 49 23.31 -15.03 -9.39
C ALA C 49 24.37 -15.27 -10.45
N ILE C 50 25.49 -15.89 -10.08
CA ILE C 50 26.56 -16.12 -11.04
C ILE C 50 26.17 -17.23 -12.00
N PHE C 51 25.68 -18.36 -11.48
CA PHE C 51 25.28 -19.50 -12.29
C PHE C 51 23.81 -19.48 -12.66
N GLY C 52 23.04 -18.54 -12.12
CA GLY C 52 21.61 -18.49 -12.35
C GLY C 52 21.17 -17.27 -13.14
N GLY C 53 20.74 -16.23 -12.42
CA GLY C 53 20.10 -15.10 -13.07
C GLY C 53 20.97 -14.43 -14.11
N ILE C 54 22.25 -14.23 -13.82
CA ILE C 54 23.11 -13.47 -14.74
C ILE C 54 23.28 -14.17 -16.08
N PRO C 55 23.53 -15.48 -16.14
CA PRO C 55 23.57 -16.13 -17.46
C PRO C 55 22.30 -15.93 -18.26
N LEU C 56 21.13 -16.01 -17.63
CA LEU C 56 19.88 -15.81 -18.37
C LEU C 56 19.72 -14.36 -18.78
N PHE C 57 20.14 -13.42 -17.94
CA PHE C 57 20.13 -12.01 -18.29
C PHE C 57 20.94 -11.77 -19.55
N TYR C 58 22.18 -12.24 -19.56
CA TYR C 58 23.04 -12.08 -20.72
C TYR C 58 22.47 -12.79 -21.94
N MET C 59 21.94 -13.99 -21.75
CA MET C 59 21.41 -14.76 -22.87
C MET C 59 20.22 -14.03 -23.50
N GLU C 60 19.31 -13.52 -22.68
CA GLU C 60 18.16 -12.79 -23.20
C GLU C 60 18.58 -11.52 -23.90
N LEU C 61 19.53 -10.77 -23.32
CA LEU C 61 19.98 -9.54 -23.96
C LEU C 61 20.61 -9.83 -25.32
N ALA C 62 21.47 -10.85 -25.37
CA ALA C 62 22.11 -11.19 -26.64
C ALA C 62 21.10 -11.67 -27.66
N LEU C 63 20.13 -12.48 -27.23
CA LEU C 63 19.09 -12.97 -28.13
C LEU C 63 18.30 -11.82 -28.72
N GLY C 64 17.81 -10.92 -27.87
CA GLY C 64 17.06 -9.79 -28.36
C GLY C 64 17.88 -8.91 -29.29
N GLN C 65 19.13 -8.65 -28.94
CA GLN C 65 19.97 -7.80 -29.79
C GLN C 65 20.20 -8.45 -31.14
N TYR C 66 20.48 -9.75 -31.18
CA TYR C 66 20.76 -10.41 -32.45
C TYR C 66 19.53 -10.46 -33.33
N HIS C 67 18.40 -10.94 -32.78
CA HIS C 67 17.25 -11.19 -33.63
C HIS C 67 16.40 -9.95 -33.88
N ARG C 68 16.59 -8.89 -33.09
CA ARG C 68 15.90 -7.63 -33.32
C ARG C 68 14.40 -7.84 -33.45
N ASN C 69 13.86 -8.70 -32.60
CA ASN C 69 12.43 -8.99 -32.58
C ASN C 69 11.97 -9.09 -31.13
N GLY C 70 10.65 -8.96 -30.94
CA GLY C 70 10.08 -8.96 -29.62
C GLY C 70 9.89 -10.36 -29.07
N CYS C 71 9.16 -10.43 -27.96
CA CYS C 71 8.99 -11.69 -27.26
C CYS C 71 8.25 -12.72 -28.10
N ILE C 72 7.23 -12.28 -28.84
CA ILE C 72 6.38 -13.22 -29.55
C ILE C 72 7.02 -13.67 -30.86
N SER C 73 7.43 -12.72 -31.69
CA SER C 73 7.90 -13.04 -33.03
C SER C 73 9.30 -13.65 -33.04
N ILE C 74 10.11 -13.42 -32.01
CA ILE C 74 11.49 -13.89 -32.06
C ILE C 74 11.55 -15.41 -32.16
N TRP C 75 10.52 -16.10 -31.66
CA TRP C 75 10.52 -17.55 -31.71
C TRP C 75 10.38 -18.07 -33.13
N ARG C 76 10.02 -17.22 -34.08
CA ARG C 76 10.09 -17.61 -35.49
C ARG C 76 11.52 -17.94 -35.89
N LYS C 77 12.50 -17.26 -35.30
CA LYS C 77 13.90 -17.42 -35.65
C LYS C 77 14.63 -18.41 -34.76
N ILE C 78 13.96 -18.98 -33.74
CA ILE C 78 14.62 -19.83 -32.76
C ILE C 78 13.95 -21.20 -32.73
N CYS C 79 12.68 -21.21 -32.37
CA CYS C 79 11.90 -22.44 -32.26
C CYS C 79 10.43 -22.11 -32.42
N PRO C 80 9.88 -22.20 -33.63
CA PRO C 80 8.51 -21.70 -33.85
C PRO C 80 7.45 -22.27 -32.90
N ILE C 81 7.54 -23.54 -32.53
CA ILE C 81 6.50 -24.13 -31.69
C ILE C 81 6.36 -23.36 -30.39
N PHE C 82 7.44 -22.75 -29.91
CA PHE C 82 7.43 -22.05 -28.64
C PHE C 82 6.97 -20.61 -28.77
N LYS C 83 6.40 -20.23 -29.91
CA LYS C 83 5.84 -18.89 -30.06
C LYS C 83 4.84 -18.58 -28.96
N GLY C 84 4.13 -19.60 -28.47
CA GLY C 84 3.17 -19.37 -27.41
C GLY C 84 3.79 -18.71 -26.19
N ILE C 85 5.07 -18.96 -25.94
CA ILE C 85 5.80 -18.32 -24.85
C ILE C 85 5.47 -16.84 -24.87
N GLY C 86 5.66 -16.21 -26.03
CA GLY C 86 5.38 -14.79 -26.13
C GLY C 86 4.03 -14.43 -25.53
N TYR C 87 2.97 -15.07 -26.02
CA TYR C 87 1.64 -14.76 -25.50
C TYR C 87 1.57 -14.99 -24.00
N ALA C 88 2.12 -16.12 -23.54
CA ALA C 88 2.16 -16.37 -22.10
C ALA C 88 2.77 -15.18 -21.38
N ILE C 89 3.91 -14.71 -21.86
CA ILE C 89 4.57 -13.58 -21.22
C ILE C 89 3.62 -12.39 -21.15
N CYS C 90 2.94 -12.11 -22.26
CA CYS C 90 1.99 -11.00 -22.26
C CYS C 90 1.01 -11.16 -21.10
N ILE C 91 0.42 -12.35 -20.96
CA ILE C 91 -0.54 -12.57 -19.89
C ILE C 91 0.10 -12.26 -18.55
N ILE C 92 1.33 -12.74 -18.34
CA ILE C 92 2.00 -12.47 -17.08
C ILE C 92 2.06 -10.97 -16.85
N ALA C 93 2.47 -10.21 -17.87
CA ALA C 93 2.53 -8.77 -17.73
C ALA C 93 1.21 -8.24 -17.20
N PHE C 94 0.10 -8.67 -17.81
CA PHE C 94 -1.20 -8.20 -17.37
C PHE C 94 -1.36 -8.45 -15.87
N TYR C 95 -1.12 -9.68 -15.43
CA TYR C 95 -1.25 -9.98 -14.01
C TYR C 95 -0.35 -9.07 -13.19
N ILE C 96 0.90 -8.90 -13.62
CA ILE C 96 1.79 -7.98 -12.92
C ILE C 96 1.16 -6.59 -12.89
N ALA C 97 0.75 -6.10 -14.05
CA ALA C 97 0.14 -4.78 -14.12
C ALA C 97 -1.13 -4.71 -13.29
N SER C 98 -1.77 -5.84 -13.02
CA SER C 98 -2.96 -5.83 -12.20
C SER C 98 -2.65 -5.38 -10.78
N TYR C 99 -1.51 -5.81 -10.24
CA TYR C 99 -1.15 -5.49 -8.86
C TYR C 99 0.03 -4.54 -8.76
N TYR C 100 1.04 -4.70 -9.61
CA TYR C 100 2.24 -3.87 -9.52
C TYR C 100 1.88 -2.39 -9.42
N ASN C 101 1.21 -1.88 -10.45
CA ASN C 101 0.85 -0.46 -10.47
C ASN C 101 0.06 -0.08 -9.22
N THR C 102 -0.81 -0.97 -8.74
CA THR C 102 -1.59 -0.66 -7.56
C THR C 102 -0.68 -0.30 -6.40
N ILE C 103 0.37 -1.07 -6.17
CA ILE C 103 1.30 -0.75 -5.10
C ILE C 103 1.84 0.66 -5.29
N MET C 104 2.23 0.99 -6.52
CA MET C 104 2.72 2.32 -6.80
C MET C 104 1.67 3.37 -6.43
N ALA C 105 0.41 3.10 -6.77
CA ALA C 105 -0.66 4.02 -6.39
C ALA C 105 -0.61 4.30 -4.90
N TRP C 106 -0.47 3.24 -4.09
CA TRP C 106 -0.37 3.45 -2.65
C TRP C 106 0.72 4.45 -2.34
N ALA C 107 1.93 4.22 -2.88
CA ALA C 107 3.01 5.16 -2.68
C ALA C 107 2.58 6.56 -3.08
N LEU C 108 2.02 6.69 -4.28
CA LEU C 108 1.57 8.01 -4.72
C LEU C 108 0.61 8.61 -3.71
N TYR C 109 -0.37 7.83 -3.26
CA TYR C 109 -1.27 8.34 -2.24
C TYR C 109 -0.48 8.83 -1.05
N TYR C 110 0.39 7.98 -0.51
CA TYR C 110 1.24 8.39 0.60
C TYR C 110 1.98 9.67 0.26
N LEU C 111 2.55 9.73 -0.95
CA LEU C 111 3.29 10.91 -1.36
C LEU C 111 2.42 12.15 -1.19
N ILE C 112 1.20 12.11 -1.72
CA ILE C 112 0.30 13.25 -1.56
C ILE C 112 0.04 13.49 -0.08
N SER C 113 -0.28 12.42 0.65
CA SER C 113 -0.54 12.55 2.08
C SER C 113 0.68 13.06 2.82
N SER C 114 1.87 12.95 2.22
CA SER C 114 3.10 13.39 2.86
C SER C 114 3.40 14.86 2.62
N PHE C 115 2.53 15.58 1.90
CA PHE C 115 2.78 17.00 1.64
C PHE C 115 2.28 17.90 2.76
N THR C 116 1.68 17.34 3.81
CA THR C 116 1.19 18.13 4.92
C THR C 116 2.33 18.51 5.86
N ASP C 117 2.08 19.51 6.70
CA ASP C 117 3.07 19.92 7.68
C ASP C 117 3.35 18.79 8.68
N GLN C 118 2.30 18.12 9.15
CA GLN C 118 2.42 16.97 10.02
C GLN C 118 1.93 15.74 9.27
N LEU C 119 2.78 14.72 9.20
CA LEU C 119 2.45 13.53 8.43
C LEU C 119 1.22 12.85 9.04
N PRO C 120 0.20 12.51 8.26
CA PRO C 120 -1.04 12.00 8.84
C PRO C 120 -0.88 10.70 9.60
N TRP C 121 0.18 9.94 9.36
CA TRP C 121 0.41 8.68 10.06
C TRP C 121 1.29 8.85 11.29
N THR C 122 1.23 10.02 11.93
CA THR C 122 2.10 10.32 13.06
C THR C 122 1.43 10.02 14.40
N SER C 123 0.13 10.21 14.51
CA SER C 123 -0.57 10.08 15.79
C SER C 123 -1.85 9.30 15.60
N CYS C 124 -2.47 8.95 16.73
CA CYS C 124 -3.70 8.16 16.77
C CYS C 124 -4.95 9.04 16.88
N LYS C 125 -4.84 10.32 16.54
CA LYS C 125 -5.94 11.27 16.73
C LYS C 125 -6.89 11.34 15.54
N ASN C 126 -6.67 10.54 14.50
CA ASN C 126 -7.38 10.71 13.26
C ASN C 126 -8.64 9.85 13.21
N SER C 127 -9.47 10.11 12.20
CA SER C 127 -10.76 9.44 12.09
C SER C 127 -10.59 7.95 11.90
N TRP C 128 -9.65 7.53 11.05
CA TRP C 128 -9.48 6.12 10.76
C TRP C 128 -8.99 5.34 11.97
N ASN C 129 -8.29 5.98 12.90
CA ASN C 129 -7.71 5.29 14.03
C ASN C 129 -8.80 4.68 14.91
N THR C 130 -8.46 3.55 15.54
CA THR C 130 -9.36 2.85 16.44
C THR C 130 -8.78 2.87 17.86
N GLY C 131 -9.45 2.17 18.77
CA GLY C 131 -9.03 2.14 20.16
C GLY C 131 -7.76 1.34 20.40
N ASN C 132 -7.41 0.44 19.50
CA ASN C 132 -6.18 -0.31 19.61
C ASN C 132 -4.94 0.52 19.27
N CYS C 133 -5.12 1.70 18.67
CA CYS C 133 -3.98 2.50 18.27
C CYS C 133 -3.18 2.96 19.48
N THR C 134 -1.86 2.91 19.37
CA THR C 134 -0.95 3.41 20.39
C THR C 134 0.30 3.93 19.71
N ASN C 135 0.79 5.07 20.17
CA ASN C 135 1.97 5.68 19.56
C ASN C 135 3.12 4.69 19.57
N TYR C 136 3.70 4.48 18.39
CA TYR C 136 4.74 3.46 18.25
C TYR C 136 5.95 3.80 19.10
N PHE C 137 6.47 5.02 18.96
CA PHE C 137 7.63 5.48 19.74
C PHE C 137 7.19 6.21 21.00
N SER C 138 6.37 5.57 21.81
CA SER C 138 5.91 6.15 23.06
C SER C 138 6.87 5.81 24.19
N GLU C 139 6.76 6.55 25.28
CA GLU C 139 7.60 6.32 26.44
C GLU C 139 7.29 4.95 27.05
N ASP C 140 8.28 4.41 27.77
CA ASP C 140 8.12 3.10 28.40
C ASP C 140 7.06 3.08 29.48
N ASN C 141 6.59 4.24 29.94
CA ASN C 141 5.55 4.27 30.96
C ASN C 141 4.27 3.59 30.47
N ILE C 142 4.06 3.55 29.17
CA ILE C 142 2.90 2.89 28.57
C ILE C 142 3.38 1.62 27.89
N THR C 143 2.82 0.49 28.29
CA THR C 143 3.21 -0.79 27.70
C THR C 143 2.60 -0.94 26.32
N TRP C 144 3.21 -1.81 25.51
CA TRP C 144 2.75 -2.12 24.16
C TRP C 144 2.00 -3.44 24.21
N THR C 145 0.69 -3.35 24.44
CA THR C 145 -0.13 -4.56 24.50
C THR C 145 -0.13 -5.26 23.16
N LEU C 146 -0.16 -6.59 23.19
CA LEU C 146 -0.08 -7.36 21.96
C LEU C 146 -1.19 -7.01 20.99
N HIS C 147 -2.33 -6.53 21.50
CA HIS C 147 -3.43 -6.12 20.64
C HIS C 147 -3.27 -4.71 20.09
N SER C 148 -2.25 -3.97 20.52
CA SER C 148 -2.09 -2.60 20.09
C SER C 148 -1.67 -2.53 18.61
N THR C 149 -1.93 -1.38 18.01
CA THR C 149 -1.51 -1.09 16.65
C THR C 149 -0.86 0.27 16.61
N SER C 150 0.09 0.43 15.71
CA SER C 150 0.77 1.71 15.58
C SER C 150 -0.05 2.66 14.71
N PRO C 151 0.13 3.97 14.88
CA PRO C 151 -0.62 4.92 14.04
C PRO C 151 -0.38 4.75 12.56
N ALA C 152 0.83 4.37 12.16
CA ALA C 152 1.10 4.17 10.73
C ALA C 152 0.44 2.90 10.23
N GLU C 153 0.37 1.86 11.05
CA GLU C 153 -0.37 0.67 10.66
C GLU C 153 -1.84 0.99 10.46
N GLU C 154 -2.41 1.81 11.35
CA GLU C 154 -3.79 2.24 11.19
C GLU C 154 -3.96 3.05 9.91
N PHE C 155 -3.04 3.98 9.66
CA PHE C 155 -3.13 4.80 8.46
C PHE C 155 -3.09 3.93 7.21
N TYR C 156 -2.17 2.95 7.19
CA TYR C 156 -2.03 2.10 6.01
C TYR C 156 -3.26 1.22 5.82
N THR C 157 -3.69 0.52 6.87
CA THR C 157 -4.73 -0.49 6.71
C THR C 157 -6.12 0.12 6.61
N ARG C 158 -6.36 1.27 7.22
CA ARG C 158 -7.70 1.83 7.35
C ARG C 158 -7.93 3.09 6.54
N HIS C 159 -6.94 3.98 6.42
CA HIS C 159 -7.13 5.19 5.64
C HIS C 159 -6.91 4.94 4.15
N VAL C 160 -5.70 4.54 3.78
CA VAL C 160 -5.38 4.36 2.37
C VAL C 160 -5.96 3.06 1.84
N LEU C 161 -5.68 1.94 2.51
CA LEU C 161 -6.23 0.67 2.06
C LEU C 161 -7.71 0.54 2.40
N GLN C 162 -8.11 0.98 3.59
CA GLN C 162 -9.45 0.72 4.10
C GLN C 162 -9.72 -0.78 4.12
N ILE C 163 -8.70 -1.55 4.49
CA ILE C 163 -8.82 -3.01 4.51
C ILE C 163 -9.88 -3.45 5.50
N HIS C 164 -10.13 -2.63 6.52
CA HIS C 164 -11.16 -3.00 7.51
C HIS C 164 -12.54 -3.08 6.90
N ARG C 165 -12.76 -2.45 5.74
CA ARG C 165 -14.05 -2.48 5.07
C ARG C 165 -14.23 -3.72 4.21
N SER C 166 -13.22 -4.58 4.11
CA SER C 166 -13.30 -5.83 3.36
C SER C 166 -13.09 -6.97 4.34
N LYS C 167 -14.06 -7.89 4.42
CA LYS C 167 -13.94 -9.03 5.31
C LYS C 167 -12.91 -10.05 4.83
N GLY C 168 -12.38 -9.89 3.63
CA GLY C 168 -11.38 -10.79 3.12
C GLY C 168 -11.41 -10.79 1.60
N LEU C 169 -10.94 -11.90 1.03
CA LEU C 169 -10.92 -12.04 -0.42
C LEU C 169 -12.32 -12.29 -0.96
N GLN C 170 -13.22 -12.84 -0.15
CA GLN C 170 -14.58 -13.10 -0.60
C GLN C 170 -15.41 -11.82 -0.68
N ASP C 171 -15.12 -10.84 0.19
CA ASP C 171 -15.85 -9.57 0.23
C ASP C 171 -14.83 -8.44 0.09
N LEU C 172 -14.54 -8.07 -1.16
CA LEU C 172 -13.56 -7.02 -1.42
C LEU C 172 -14.10 -5.63 -1.12
N GLY C 173 -15.42 -5.46 -1.09
CA GLY C 173 -15.99 -4.15 -0.88
C GLY C 173 -15.93 -3.31 -2.15
N GLY C 174 -16.19 -2.02 -1.96
CA GLY C 174 -16.20 -1.09 -3.07
C GLY C 174 -14.80 -0.65 -3.46
N ILE C 175 -14.75 0.26 -4.42
CA ILE C 175 -13.49 0.79 -4.95
C ILE C 175 -13.23 2.13 -4.28
N SER C 176 -12.00 2.32 -3.80
CA SER C 176 -11.60 3.57 -3.18
C SER C 176 -11.26 4.58 -4.26
N TRP C 177 -12.07 5.63 -4.38
CA TRP C 177 -11.86 6.61 -5.44
C TRP C 177 -10.51 7.29 -5.32
N GLN C 178 -9.97 7.40 -4.11
CA GLN C 178 -8.66 8.01 -3.94
C GLN C 178 -7.58 7.19 -4.64
N LEU C 179 -7.53 5.89 -4.34
CA LEU C 179 -6.57 5.03 -5.02
C LEU C 179 -6.88 4.91 -6.51
N ALA C 180 -8.15 5.00 -6.88
CA ALA C 180 -8.50 4.99 -8.30
C ALA C 180 -7.88 6.18 -9.02
N LEU C 181 -7.97 7.38 -8.42
CA LEU C 181 -7.35 8.55 -9.03
C LEU C 181 -5.84 8.44 -9.01
N CYS C 182 -5.27 7.91 -7.94
CA CYS C 182 -3.82 7.75 -7.86
C CYS C 182 -3.32 6.83 -8.97
N ILE C 183 -3.99 5.70 -9.17
CA ILE C 183 -3.57 4.77 -10.21
C ILE C 183 -3.88 5.32 -11.59
N MET C 184 -4.92 6.14 -11.74
CA MET C 184 -5.17 6.78 -13.02
C MET C 184 -4.04 7.74 -13.37
N LEU C 185 -3.56 8.51 -12.39
CA LEU C 185 -2.40 9.36 -12.63
C LEU C 185 -1.16 8.53 -12.94
N ILE C 186 -0.99 7.42 -12.22
CA ILE C 186 0.14 6.53 -12.45
C ILE C 186 0.14 6.04 -13.89
N PHE C 187 -1.03 5.59 -14.36
CA PHE C 187 -1.12 5.05 -15.72
C PHE C 187 -1.04 6.15 -16.76
N THR C 188 -1.47 7.37 -16.44
CA THR C 188 -1.24 8.49 -17.34
C THR C 188 0.25 8.73 -17.52
N VAL C 189 1.00 8.74 -16.42
CA VAL C 189 2.44 8.90 -16.51
C VAL C 189 3.06 7.75 -17.30
N ILE C 190 2.63 6.53 -17.03
CA ILE C 190 3.19 5.37 -17.73
C ILE C 190 2.92 5.47 -19.22
N TYR C 191 1.68 5.74 -19.60
CA TYR C 191 1.35 5.87 -21.02
C TYR C 191 2.19 6.97 -21.66
N PHE C 192 2.22 8.15 -21.07
CA PHE C 192 2.95 9.25 -21.68
C PHE C 192 4.45 9.06 -21.61
N SER C 193 4.93 8.03 -20.91
CA SER C 193 6.34 7.68 -20.93
C SER C 193 6.69 6.68 -22.03
N ILE C 194 5.79 5.74 -22.35
CA ILE C 194 6.11 4.65 -23.25
C ILE C 194 5.17 4.63 -24.45
N TRP C 195 4.70 5.80 -24.89
CA TRP C 195 3.73 5.84 -25.97
C TRP C 195 4.37 6.15 -27.31
N LYS C 196 5.54 6.78 -27.32
CA LYS C 196 6.30 7.04 -28.54
C LYS C 196 7.48 6.08 -28.70
N GLY C 197 7.63 5.12 -27.79
CA GLY C 197 8.66 4.11 -27.91
C GLY C 197 9.86 4.37 -27.03
N VAL C 198 10.98 3.74 -27.40
CA VAL C 198 12.20 3.88 -26.62
C VAL C 198 12.74 5.30 -26.71
N LYS C 199 12.41 6.02 -27.78
CA LYS C 199 12.91 7.38 -27.94
C LYS C 199 12.42 8.29 -26.82
N THR C 200 11.37 7.90 -26.10
CA THR C 200 10.89 8.64 -24.94
C THR C 200 11.12 7.89 -23.63
N SER C 201 10.99 6.56 -23.65
CA SER C 201 11.24 5.79 -22.43
C SER C 201 12.68 5.92 -21.99
N GLY C 202 13.62 5.91 -22.94
CA GLY C 202 15.02 6.06 -22.58
C GLY C 202 15.31 7.39 -21.90
N LYS C 203 14.66 8.46 -22.37
CA LYS C 203 14.86 9.76 -21.74
C LYS C 203 14.15 9.86 -20.40
N VAL C 204 12.99 9.21 -20.27
CA VAL C 204 12.26 9.27 -19.01
C VAL C 204 13.00 8.51 -17.92
N VAL C 205 13.63 7.38 -18.28
CA VAL C 205 14.33 6.59 -17.27
C VAL C 205 15.54 7.34 -16.72
N TRP C 206 16.01 8.37 -17.42
CA TRP C 206 17.08 9.19 -16.86
C TRP C 206 16.68 9.74 -15.50
N VAL C 207 15.41 10.08 -15.34
CA VAL C 207 14.88 10.53 -14.06
C VAL C 207 14.33 9.37 -13.26
N THR C 208 13.62 8.43 -13.92
CA THR C 208 12.96 7.36 -13.20
C THR C 208 13.92 6.25 -12.76
N ALA C 209 15.13 6.19 -13.32
CA ALA C 209 16.08 5.15 -12.97
C ALA C 209 17.25 5.64 -12.13
N THR C 210 17.53 6.95 -12.15
CA THR C 210 18.61 7.52 -11.36
C THR C 210 18.12 8.17 -10.07
N PHE C 211 16.97 8.83 -10.09
CA PHE C 211 16.42 9.43 -8.89
C PHE C 211 16.30 8.43 -7.73
N PRO C 212 15.85 7.19 -7.95
CA PRO C 212 15.83 6.24 -6.83
C PRO C 212 17.18 6.10 -6.16
N TYR C 213 18.28 6.15 -6.92
CA TYR C 213 19.59 6.02 -6.32
C TYR C 213 19.96 7.25 -5.51
N ILE C 214 19.59 8.44 -5.98
CA ILE C 214 19.82 9.65 -5.20
C ILE C 214 19.09 9.56 -3.87
N ILE C 215 17.81 9.16 -3.92
CA ILE C 215 17.04 9.06 -2.69
C ILE C 215 17.59 7.95 -1.79
N LEU C 216 18.06 6.86 -2.39
CA LEU C 216 18.63 5.77 -1.59
C LEU C 216 19.88 6.23 -0.87
N SER C 217 20.73 7.00 -1.55
CA SER C 217 21.92 7.55 -0.88
C SER C 217 21.53 8.50 0.24
N VAL C 218 20.52 9.34 0.00
CA VAL C 218 20.07 10.27 1.04
C VAL C 218 19.55 9.49 2.25
N LEU C 219 18.75 8.46 2.00
CA LEU C 219 18.19 7.67 3.10
C LEU C 219 19.27 6.86 3.81
N LEU C 220 20.30 6.41 3.07
CA LEU C 220 21.40 5.71 3.72
C LEU C 220 22.18 6.64 4.64
N VAL C 221 22.44 7.87 4.19
CA VAL C 221 23.10 8.85 5.05
C VAL C 221 22.23 9.14 6.26
N ARG C 222 20.92 9.27 6.06
CA ARG C 222 20.01 9.52 7.17
C ARG C 222 20.06 8.38 8.18
N GLY C 223 19.90 7.14 7.71
CA GLY C 223 19.84 6.01 8.62
C GLY C 223 21.15 5.76 9.34
N ALA C 224 22.27 5.85 8.62
CA ALA C 224 23.56 5.61 9.25
C ALA C 224 23.78 6.53 10.44
N THR C 225 23.27 7.76 10.36
CA THR C 225 23.42 8.71 11.45
C THR C 225 22.36 8.54 12.54
N LEU C 226 21.35 7.70 12.32
CA LEU C 226 20.33 7.50 13.33
C LEU C 226 20.93 6.78 14.54
N PRO C 227 20.38 6.98 15.73
CA PRO C 227 20.86 6.24 16.90
C PRO C 227 20.38 4.81 16.85
N GLY C 228 21.31 3.87 17.05
CA GLY C 228 20.98 2.46 17.01
C GLY C 228 20.93 1.86 15.63
N ALA C 229 21.44 2.56 14.62
CA ALA C 229 21.45 2.00 13.27
C ALA C 229 22.50 0.91 13.12
N TRP C 230 23.59 1.00 13.89
CA TRP C 230 24.63 -0.02 13.79
C TRP C 230 24.11 -1.39 14.19
N ARG C 231 23.22 -1.44 15.19
CA ARG C 231 22.61 -2.71 15.56
C ARG C 231 21.79 -3.28 14.41
N GLY C 232 21.04 -2.42 13.71
CA GLY C 232 20.28 -2.88 12.57
C GLY C 232 21.18 -3.40 11.46
N VAL C 233 22.26 -2.70 11.17
CA VAL C 233 23.19 -3.16 10.13
C VAL C 233 23.84 -4.47 10.55
N LEU C 234 24.17 -4.61 11.84
CA LEU C 234 24.76 -5.85 12.33
C LEU C 234 23.78 -7.01 12.18
N PHE C 235 22.51 -6.78 12.50
CA PHE C 235 21.50 -7.82 12.27
C PHE C 235 21.39 -8.14 10.79
N TYR C 236 21.50 -7.14 9.93
CA TYR C 236 21.44 -7.36 8.50
C TYR C 236 22.59 -8.24 8.02
N LEU C 237 23.80 -8.01 8.55
CA LEU C 237 25.00 -8.65 8.05
C LEU C 237 25.44 -9.85 8.87
N LYS C 238 25.09 -9.92 10.15
CA LYS C 238 25.56 -11.01 10.99
C LYS C 238 25.22 -12.34 10.33
N PRO C 239 26.22 -13.10 9.88
CA PRO C 239 25.93 -14.31 9.10
C PRO C 239 25.47 -15.46 10.00
N ASN C 240 24.37 -16.09 9.62
CA ASN C 240 23.91 -17.33 10.26
C ASN C 240 24.27 -18.48 9.32
N TRP C 241 25.50 -18.95 9.42
CA TRP C 241 25.99 -19.95 8.48
C TRP C 241 25.15 -21.22 8.53
N GLN C 242 24.59 -21.56 9.69
CA GLN C 242 23.76 -22.75 9.79
C GLN C 242 22.57 -22.67 8.85
N LYS C 243 22.07 -21.47 8.58
CA LYS C 243 20.94 -21.32 7.66
C LYS C 243 21.29 -21.85 6.27
N LEU C 244 22.57 -21.84 5.91
CA LEU C 244 22.96 -22.37 4.61
C LEU C 244 22.66 -23.86 4.50
N LEU C 245 22.60 -24.58 5.63
CA LEU C 245 22.24 -25.99 5.58
C LEU C 245 20.82 -26.18 5.07
N GLU C 246 19.91 -25.32 5.49
CA GLU C 246 18.53 -25.41 5.05
C GLU C 246 18.43 -25.15 3.55
N THR C 247 17.63 -25.97 2.86
CA THR C 247 17.41 -25.77 1.44
C THR C 247 16.57 -24.53 1.17
N GLY C 248 15.72 -24.13 2.11
CA GLY C 248 14.86 -22.99 1.89
C GLY C 248 15.65 -21.71 1.62
N VAL C 249 16.82 -21.58 2.24
CA VAL C 249 17.64 -20.40 2.00
C VAL C 249 18.05 -20.33 0.54
N TRP C 250 18.52 -21.45 -0.02
CA TRP C 250 18.92 -21.46 -1.41
C TRP C 250 17.72 -21.28 -2.34
N ILE C 251 16.58 -21.85 -1.97
CA ILE C 251 15.36 -21.66 -2.76
C ILE C 251 15.00 -20.18 -2.81
N ASP C 252 15.05 -19.50 -1.65
CA ASP C 252 14.73 -18.09 -1.59
C ASP C 252 15.73 -17.26 -2.37
N ALA C 253 17.02 -17.61 -2.28
CA ALA C 253 18.02 -16.89 -3.06
C ALA C 253 17.74 -17.03 -4.55
N ALA C 254 17.43 -18.24 -5.00
CA ALA C 254 17.12 -18.47 -6.40
C ALA C 254 15.93 -17.64 -6.85
N ALA C 255 14.82 -17.71 -6.10
CA ALA C 255 13.63 -16.97 -6.49
C ALA C 255 13.88 -15.48 -6.47
N GLN C 256 14.57 -14.99 -5.44
CA GLN C 256 14.82 -13.55 -5.33
C GLN C 256 15.67 -13.06 -6.49
N ILE C 257 16.74 -13.79 -6.81
CA ILE C 257 17.62 -13.33 -7.89
C ILE C 257 16.89 -13.39 -9.23
N PHE C 258 16.13 -14.46 -9.47
CA PHE C 258 15.40 -14.55 -10.73
C PHE C 258 14.40 -13.42 -10.88
N PHE C 259 13.60 -13.17 -9.85
CA PHE C 259 12.56 -12.17 -9.93
C PHE C 259 13.09 -10.75 -9.77
N SER C 260 14.34 -10.58 -9.35
CA SER C 260 14.97 -9.27 -9.32
C SER C 260 15.60 -8.92 -10.66
N LEU C 261 16.38 -9.85 -11.23
CA LEU C 261 16.98 -9.60 -12.53
C LEU C 261 15.94 -9.61 -13.64
N GLY C 262 14.93 -10.46 -13.53
CA GLY C 262 13.84 -10.52 -14.47
C GLY C 262 14.20 -11.11 -15.82
N PRO C 263 15.03 -12.16 -15.86
CA PRO C 263 15.29 -12.82 -17.14
C PRO C 263 14.20 -13.81 -17.50
N GLY C 264 13.42 -13.51 -18.54
CA GLY C 264 12.38 -14.42 -18.98
C GLY C 264 11.01 -13.80 -19.01
N PHE C 265 10.95 -12.47 -18.85
CA PHE C 265 9.70 -11.72 -18.96
C PHE C 265 9.55 -11.04 -20.30
N GLY C 266 10.43 -11.33 -21.26
CA GLY C 266 10.36 -10.69 -22.56
C GLY C 266 10.70 -9.23 -22.56
N VAL C 267 11.21 -8.70 -21.45
CA VAL C 267 11.49 -7.27 -21.34
C VAL C 267 12.92 -6.96 -21.73
N LEU C 268 13.89 -7.70 -21.18
CA LEU C 268 15.28 -7.53 -21.60
C LEU C 268 15.41 -7.80 -23.09
N LEU C 269 14.67 -8.79 -23.58
CA LEU C 269 14.68 -9.09 -25.02
C LEU C 269 14.20 -7.90 -25.83
N ALA C 270 13.09 -7.27 -25.40
CA ALA C 270 12.57 -6.13 -26.12
C ALA C 270 13.54 -4.96 -26.06
N PHE C 271 14.14 -4.71 -24.90
CA PHE C 271 15.11 -3.63 -24.80
C PHE C 271 16.32 -3.88 -25.69
N ALA C 272 16.84 -5.10 -25.70
CA ALA C 272 17.98 -5.42 -26.55
C ALA C 272 17.63 -5.31 -28.01
N SER C 273 16.38 -5.60 -28.39
CA SER C 273 16.01 -5.57 -29.79
C SER C 273 16.24 -4.20 -30.41
N TYR C 274 16.31 -3.15 -29.61
CA TYR C 274 16.57 -1.80 -30.10
C TYR C 274 18.04 -1.45 -30.08
N ASN C 275 18.90 -2.31 -29.55
CA ASN C 275 20.33 -2.05 -29.52
C ASN C 275 20.93 -2.20 -30.91
N LYS C 276 22.04 -1.50 -31.13
CA LYS C 276 22.80 -1.72 -32.36
C LYS C 276 23.31 -3.15 -32.40
N PHE C 277 23.37 -3.71 -33.61
CA PHE C 277 23.69 -5.13 -33.74
C PHE C 277 25.04 -5.44 -33.10
N ASN C 278 26.05 -4.60 -33.34
CA ASN C 278 27.40 -4.86 -32.87
C ASN C 278 27.64 -4.34 -31.46
N ASN C 279 26.60 -3.85 -30.77
CA ASN C 279 26.77 -3.40 -29.40
C ASN C 279 27.15 -4.57 -28.50
N ASN C 280 27.88 -4.25 -27.44
CA ASN C 280 28.37 -5.26 -26.50
C ASN C 280 27.29 -5.54 -25.46
N CYS C 281 26.49 -6.59 -25.72
CA CYS C 281 25.46 -6.99 -24.77
C CYS C 281 26.02 -7.78 -23.59
N TYR C 282 27.22 -8.34 -23.73
CA TYR C 282 27.86 -9.02 -22.60
C TYR C 282 28.20 -8.03 -21.49
N GLN C 283 28.87 -6.94 -21.86
CA GLN C 283 29.19 -5.91 -20.87
C GLN C 283 27.94 -5.29 -20.29
N ASP C 284 26.93 -5.04 -21.14
CA ASP C 284 25.68 -4.47 -20.64
C ASP C 284 25.01 -5.40 -19.64
N ALA C 285 24.96 -6.70 -19.96
CA ALA C 285 24.35 -7.66 -19.04
C ALA C 285 25.09 -7.69 -17.71
N LEU C 286 26.41 -7.79 -17.76
CA LEU C 286 27.18 -7.83 -16.53
C LEU C 286 26.98 -6.56 -15.71
N VAL C 287 27.07 -5.40 -16.37
CA VAL C 287 26.97 -4.14 -15.65
C VAL C 287 25.61 -4.00 -15.00
N THR C 288 24.54 -4.28 -15.76
CA THR C 288 23.20 -4.10 -15.22
C THR C 288 22.91 -5.10 -14.12
N SER C 289 23.37 -6.36 -14.26
CA SER C 289 23.11 -7.34 -13.22
C SER C 289 23.84 -6.99 -11.93
N VAL C 290 25.12 -6.60 -12.02
CA VAL C 290 25.84 -6.23 -10.82
C VAL C 290 25.25 -4.95 -10.22
N VAL C 291 24.78 -4.03 -11.07
CA VAL C 291 24.13 -2.83 -10.56
C VAL C 291 22.88 -3.21 -9.77
N ASN C 292 22.08 -4.13 -10.30
CA ASN C 292 20.87 -4.55 -9.60
C ASN C 292 21.21 -5.20 -8.26
N CYS C 293 22.20 -6.10 -8.25
CA CYS C 293 22.56 -6.79 -7.01
C CYS C 293 23.12 -5.82 -5.98
N MET C 294 23.99 -4.90 -6.40
CA MET C 294 24.52 -3.91 -5.49
C MET C 294 23.45 -2.95 -5.00
N THR C 295 22.47 -2.64 -5.86
CA THR C 295 21.35 -1.83 -5.41
C THR C 295 20.55 -2.55 -4.35
N SER C 296 20.35 -3.86 -4.52
CA SER C 296 19.68 -4.63 -3.48
C SER C 296 20.46 -4.58 -2.17
N PHE C 297 21.78 -4.72 -2.24
CA PHE C 297 22.60 -4.68 -1.04
C PHE C 297 22.50 -3.31 -0.35
N VAL C 298 22.66 -2.24 -1.12
CA VAL C 298 22.65 -0.90 -0.55
C VAL C 298 21.27 -0.56 0.01
N SER C 299 20.21 -0.94 -0.69
CA SER C 299 18.87 -0.70 -0.18
C SER C 299 18.62 -1.51 1.08
N GLY C 300 19.22 -2.70 1.20
CA GLY C 300 19.14 -3.42 2.45
C GLY C 300 19.81 -2.67 3.58
N PHE C 301 20.97 -2.07 3.30
CA PHE C 301 21.60 -1.23 4.31
C PHE C 301 20.67 -0.09 4.70
N VAL C 302 20.04 0.54 3.71
CA VAL C 302 19.15 1.67 3.96
C VAL C 302 18.01 1.23 4.87
N ILE C 303 17.39 0.10 4.56
CA ILE C 303 16.23 -0.36 5.32
C ILE C 303 16.64 -0.77 6.73
N PHE C 304 17.79 -1.45 6.87
CA PHE C 304 18.11 -2.03 8.16
C PHE C 304 18.76 -1.04 9.11
N THR C 305 19.39 0.03 8.62
CA THR C 305 19.76 1.10 9.53
C THR C 305 18.53 1.66 10.23
N VAL C 306 17.46 1.88 9.46
CA VAL C 306 16.22 2.40 10.02
C VAL C 306 15.56 1.37 10.94
N LEU C 307 15.61 0.09 10.55
CA LEU C 307 15.03 -0.94 11.42
C LEU C 307 15.77 -1.03 12.74
N GLY C 308 17.10 -0.91 12.71
CA GLY C 308 17.85 -0.90 13.95
C GLY C 308 17.55 0.33 14.78
N TYR C 309 17.38 1.48 14.13
CA TYR C 309 16.96 2.67 14.87
C TYR C 309 15.61 2.44 15.55
N MET C 310 14.66 1.86 14.83
CA MET C 310 13.35 1.57 15.41
C MET C 310 13.45 0.51 16.50
N ALA C 311 14.31 -0.48 16.32
CA ALA C 311 14.55 -1.48 17.35
C ALA C 311 15.23 -0.91 18.58
N GLU C 312 15.91 0.23 18.45
CA GLU C 312 16.54 0.87 19.59
C GLU C 312 15.58 1.77 20.36
N MET C 313 14.65 2.42 19.64
CA MET C 313 13.66 3.28 20.29
C MET C 313 12.59 2.48 21.04
N ARG C 314 12.57 1.15 20.88
CA ARG C 314 11.53 0.33 21.48
C ARG C 314 12.06 -0.78 22.35
N ASN C 315 13.38 -0.90 22.53
CA ASN C 315 13.96 -1.96 23.33
C ASN C 315 13.50 -3.34 22.84
N GLU C 316 13.40 -3.48 21.51
CA GLU C 316 13.01 -4.72 20.87
C GLU C 316 14.08 -5.13 19.86
N ASP C 317 14.21 -6.43 19.63
CA ASP C 317 15.08 -6.89 18.57
C ASP C 317 14.47 -6.57 17.22
N VAL C 318 15.33 -6.55 16.19
CA VAL C 318 14.87 -6.24 14.85
C VAL C 318 13.81 -7.23 14.38
N SER C 319 13.76 -8.42 14.98
CA SER C 319 12.78 -9.41 14.57
C SER C 319 11.36 -8.90 14.77
N GLU C 320 11.08 -8.33 15.95
CA GLU C 320 9.75 -7.79 16.20
C GLU C 320 9.48 -6.54 15.38
N VAL C 321 10.51 -5.73 15.12
CA VAL C 321 10.31 -4.52 14.34
C VAL C 321 9.89 -4.87 12.91
N ALA C 322 10.59 -5.83 12.30
CA ALA C 322 10.28 -6.19 10.92
C ALA C 322 8.93 -6.88 10.81
N LYS C 323 8.53 -7.62 11.83
CA LYS C 323 7.26 -8.34 11.83
C LYS C 323 7.18 -9.33 10.66
N ASP C 324 6.37 -9.01 9.65
CA ASP C 324 6.11 -9.93 8.55
C ASP C 324 6.56 -9.41 7.19
N ALA C 325 6.87 -8.12 7.07
CA ALA C 325 7.31 -7.52 5.81
C ALA C 325 6.15 -7.42 4.83
N GLY C 326 6.47 -7.29 3.54
CA GLY C 326 5.47 -6.98 2.54
C GLY C 326 5.56 -5.51 2.17
N PRO C 327 4.54 -4.99 1.50
CA PRO C 327 4.42 -3.53 1.43
C PRO C 327 4.23 -2.90 2.80
N SER C 328 3.86 -3.69 3.80
CA SER C 328 3.72 -3.26 5.19
C SER C 328 5.05 -2.99 5.84
N LEU C 329 6.16 -3.02 5.12
CA LEU C 329 7.45 -2.62 5.66
C LEU C 329 7.88 -1.23 5.20
N LEU C 330 7.57 -0.87 3.96
CA LEU C 330 7.84 0.47 3.47
C LEU C 330 6.70 1.44 3.76
N PHE C 331 5.52 0.93 4.12
CA PHE C 331 4.36 1.77 4.38
C PHE C 331 3.98 1.84 5.84
N ILE C 332 4.45 0.91 6.67
CA ILE C 332 4.17 0.94 8.10
C ILE C 332 5.46 1.17 8.86
N THR C 333 6.40 0.23 8.76
CA THR C 333 7.63 0.32 9.53
C THR C 333 8.45 1.53 9.12
N TYR C 334 8.85 1.56 7.84
CA TYR C 334 9.67 2.68 7.38
C TYR C 334 8.89 4.00 7.48
N ALA C 335 7.59 3.96 7.24
CA ALA C 335 6.78 5.16 7.39
C ALA C 335 6.76 5.63 8.84
N GLU C 336 6.69 4.70 9.80
CA GLU C 336 6.84 5.08 11.20
C GLU C 336 8.18 5.76 11.44
N ALA C 337 9.24 5.22 10.85
CA ALA C 337 10.55 5.83 11.00
C ALA C 337 10.55 7.27 10.49
N ILE C 338 10.00 7.48 9.29
CA ILE C 338 9.96 8.84 8.74
C ILE C 338 9.15 9.75 9.66
N ALA C 339 8.02 9.26 10.17
CA ALA C 339 7.21 10.08 11.07
C ALA C 339 7.99 10.50 12.29
N ASN C 340 8.79 9.59 12.85
CA ASN C 340 9.53 9.90 14.07
C ASN C 340 10.74 10.80 13.80
N MET C 341 11.44 10.57 12.70
CA MET C 341 12.69 11.30 12.46
C MET C 341 12.41 12.78 12.19
N PRO C 342 13.39 13.65 12.45
CA PRO C 342 13.22 15.06 12.13
C PRO C 342 13.20 15.30 10.63
N ALA C 343 12.67 16.47 10.25
CA ALA C 343 12.46 16.78 8.84
C ALA C 343 11.62 15.70 8.18
N SER C 344 10.58 15.26 8.90
CA SER C 344 9.81 14.10 8.48
C SER C 344 9.13 14.33 7.13
N THR C 345 8.65 15.54 6.89
CA THR C 345 7.93 15.80 5.64
C THR C 345 8.84 15.61 4.44
N PHE C 346 10.04 16.18 4.48
CA PHE C 346 10.96 16.06 3.36
C PHE C 346 11.35 14.61 3.13
N PHE C 347 11.68 13.90 4.20
CA PHE C 347 12.10 12.51 4.05
C PHE C 347 10.97 11.64 3.54
N ALA C 348 9.75 11.88 4.00
CA ALA C 348 8.61 11.14 3.48
C ALA C 348 8.38 11.43 2.01
N ILE C 349 8.48 12.71 1.62
CA ILE C 349 8.27 13.06 0.23
C ILE C 349 9.28 12.35 -0.66
N ILE C 350 10.56 12.41 -0.28
CA ILE C 350 11.58 11.79 -1.13
C ILE C 350 11.44 10.27 -1.10
N PHE C 351 11.10 9.70 0.05
CA PHE C 351 10.99 8.24 0.15
C PHE C 351 9.88 7.73 -0.75
N PHE C 352 8.71 8.37 -0.70
CA PHE C 352 7.60 7.88 -1.52
C PHE C 352 7.78 8.24 -2.99
N LEU C 353 8.45 9.34 -3.29
CA LEU C 353 8.82 9.60 -4.67
C LEU C 353 9.78 8.53 -5.18
N MET C 354 10.69 8.07 -4.32
CA MET C 354 11.59 6.98 -4.69
C MET C 354 10.81 5.70 -4.95
N LEU C 355 9.83 5.40 -4.11
CA LEU C 355 9.01 4.22 -4.37
C LEU C 355 8.29 4.34 -5.70
N ILE C 356 7.73 5.52 -5.97
CA ILE C 356 7.02 5.73 -7.23
C ILE C 356 7.94 5.52 -8.41
N THR C 357 9.16 6.06 -8.35
CA THR C 357 10.09 5.92 -9.47
C THR C 357 10.59 4.49 -9.61
N LEU C 358 10.91 3.83 -8.50
CA LEU C 358 11.34 2.43 -8.55
C LEU C 358 10.29 1.57 -9.21
N GLY C 359 9.02 1.82 -8.90
CA GLY C 359 7.97 1.10 -9.60
C GLY C 359 7.77 1.53 -11.03
N LEU C 360 7.91 2.82 -11.30
CA LEU C 360 7.56 3.36 -12.62
C LEU C 360 8.52 2.86 -13.68
N ASP C 361 9.82 2.87 -13.40
CA ASP C 361 10.78 2.38 -14.39
C ASP C 361 10.50 0.92 -14.74
N SER C 362 10.25 0.10 -13.71
CA SER C 362 9.99 -1.32 -13.94
C SER C 362 8.69 -1.52 -14.71
N THR C 363 7.66 -0.72 -14.42
CA THR C 363 6.41 -0.84 -15.16
C THR C 363 6.57 -0.40 -16.61
N PHE C 364 7.30 0.69 -16.84
CA PHE C 364 7.63 1.08 -18.20
C PHE C 364 8.23 -0.09 -18.95
N ALA C 365 9.23 -0.73 -18.34
CA ALA C 365 9.90 -1.85 -19.00
C ALA C 365 8.95 -3.02 -19.23
N GLY C 366 8.15 -3.36 -18.21
CA GLY C 366 7.27 -4.51 -18.33
C GLY C 366 6.23 -4.34 -19.42
N LEU C 367 5.62 -3.15 -19.49
CA LEU C 367 4.65 -2.89 -20.54
C LEU C 367 5.31 -2.69 -21.90
N GLU C 368 6.53 -2.17 -21.93
CA GLU C 368 7.24 -2.00 -23.19
C GLU C 368 7.62 -3.35 -23.78
N GLY C 369 7.89 -4.35 -22.95
CA GLY C 369 8.11 -5.68 -23.47
C GLY C 369 6.91 -6.19 -24.25
N VAL C 370 5.73 -6.06 -23.67
CA VAL C 370 4.50 -6.50 -24.35
C VAL C 370 4.25 -5.67 -25.59
N ILE C 371 4.44 -4.35 -25.49
CA ILE C 371 4.18 -3.49 -26.64
C ILE C 371 5.12 -3.84 -27.78
N THR C 372 6.40 -4.04 -27.50
CA THR C 372 7.34 -4.41 -28.54
C THR C 372 7.00 -5.77 -29.13
N ALA C 373 6.62 -6.73 -28.28
CA ALA C 373 6.26 -8.04 -28.78
C ALA C 373 5.11 -7.95 -29.77
N VAL C 374 4.06 -7.22 -29.40
CA VAL C 374 2.90 -7.12 -30.29
C VAL C 374 3.22 -6.30 -31.53
N LEU C 375 4.00 -5.23 -31.38
CA LEU C 375 4.35 -4.39 -32.52
C LEU C 375 5.16 -5.17 -33.54
N ASP C 376 6.09 -6.02 -33.08
CA ASP C 376 6.90 -6.82 -33.99
C ASP C 376 6.10 -7.99 -34.57
N GLU C 377 5.22 -8.59 -33.78
CA GLU C 377 4.46 -9.75 -34.26
C GLU C 377 3.37 -9.35 -35.23
N PHE C 378 2.74 -8.20 -35.02
CA PHE C 378 1.62 -7.73 -35.86
C PHE C 378 1.92 -6.33 -36.34
N PRO C 379 2.92 -6.17 -37.20
CA PRO C 379 3.23 -4.84 -37.73
C PRO C 379 2.25 -4.41 -38.81
N HIS C 380 1.66 -5.38 -39.50
CA HIS C 380 0.70 -5.04 -40.55
C HIS C 380 -0.52 -4.31 -39.99
N VAL C 381 -0.74 -4.39 -38.68
CA VAL C 381 -1.84 -3.68 -38.06
C VAL C 381 -1.38 -2.67 -37.01
N TRP C 382 -0.21 -2.86 -36.39
CA TRP C 382 0.25 -1.98 -35.32
C TRP C 382 1.55 -1.26 -35.64
N ALA C 383 2.18 -1.52 -36.79
CA ALA C 383 3.45 -0.85 -37.08
C ALA C 383 3.30 0.66 -36.96
N LYS C 384 2.31 1.22 -37.66
CA LYS C 384 1.87 2.57 -37.37
C LYS C 384 0.92 2.52 -36.17
N ARG C 385 0.34 3.67 -35.84
CA ARG C 385 -0.68 3.74 -34.78
C ARG C 385 -0.22 2.97 -33.54
N ARG C 386 1.05 3.11 -33.19
CA ARG C 386 1.54 2.50 -31.96
C ARG C 386 0.95 3.16 -30.73
N GLU C 387 0.72 4.47 -30.79
CA GLU C 387 0.24 5.19 -29.63
C GLU C 387 -1.10 4.65 -29.16
N ARG C 388 -2.00 4.34 -30.10
CA ARG C 388 -3.31 3.83 -29.70
C ARG C 388 -3.22 2.41 -29.16
N PHE C 389 -2.28 1.59 -29.65
CA PHE C 389 -2.10 0.28 -29.04
C PHE C 389 -1.56 0.40 -27.62
N VAL C 390 -0.63 1.33 -27.39
CA VAL C 390 -0.13 1.53 -26.03
C VAL C 390 -1.25 2.03 -25.13
N LEU C 391 -2.13 2.89 -25.67
CA LEU C 391 -3.30 3.31 -24.92
C LEU C 391 -4.18 2.13 -24.57
N ALA C 392 -4.38 1.21 -25.51
CA ALA C 392 -5.17 0.01 -25.23
C ALA C 392 -4.52 -0.84 -24.16
N VAL C 393 -3.20 -0.99 -24.21
CA VAL C 393 -2.49 -1.77 -23.20
C VAL C 393 -2.66 -1.14 -21.84
N VAL C 394 -2.51 0.18 -21.75
CA VAL C 394 -2.64 0.87 -20.47
C VAL C 394 -4.06 0.75 -19.94
N ILE C 395 -5.06 0.88 -20.82
CA ILE C 395 -6.45 0.76 -20.40
C ILE C 395 -6.72 -0.64 -19.88
N THR C 396 -6.21 -1.66 -20.58
CA THR C 396 -6.40 -3.03 -20.13
C THR C 396 -5.75 -3.26 -18.77
N CYS C 397 -4.54 -2.73 -18.59
CA CYS C 397 -3.87 -2.88 -17.30
C CYS C 397 -4.64 -2.18 -16.20
N PHE C 398 -5.17 -0.99 -16.48
CA PHE C 398 -5.96 -0.28 -15.48
C PHE C 398 -7.21 -1.07 -15.11
N PHE C 399 -7.91 -1.60 -16.10
CA PHE C 399 -9.12 -2.38 -15.82
C PHE C 399 -8.78 -3.63 -15.02
N GLY C 400 -7.65 -4.28 -15.34
CA GLY C 400 -7.22 -5.41 -14.54
C GLY C 400 -6.91 -5.02 -13.11
N SER C 401 -6.38 -3.81 -12.92
CA SER C 401 -6.02 -3.34 -11.59
C SER C 401 -7.21 -2.81 -10.80
N LEU C 402 -8.38 -2.71 -11.41
CA LEU C 402 -9.55 -2.19 -10.70
C LEU C 402 -9.87 -3.06 -9.48
N VAL C 403 -9.76 -4.38 -9.62
CA VAL C 403 -10.03 -5.26 -8.49
C VAL C 403 -9.07 -4.97 -7.35
N THR C 404 -7.81 -4.65 -7.67
CA THR C 404 -6.83 -4.35 -6.65
C THR C 404 -7.06 -3.02 -5.97
N LEU C 405 -7.93 -2.18 -6.51
CA LEU C 405 -8.26 -0.90 -5.88
C LEU C 405 -9.39 -1.01 -4.88
N THR C 406 -10.06 -2.16 -4.80
CA THR C 406 -11.13 -2.33 -3.84
C THR C 406 -10.58 -2.28 -2.42
N PHE C 407 -11.50 -2.23 -1.44
CA PHE C 407 -11.08 -2.19 -0.05
C PHE C 407 -10.35 -3.47 0.34
N GLY C 408 -10.69 -4.60 -0.29
CA GLY C 408 -9.94 -5.82 -0.12
C GLY C 408 -8.84 -5.91 -1.15
N GLY C 409 -8.50 -4.77 -1.75
CA GLY C 409 -7.54 -4.75 -2.83
C GLY C 409 -6.15 -5.22 -2.43
N ALA C 410 -5.76 -4.97 -1.17
CA ALA C 410 -4.45 -5.44 -0.72
C ALA C 410 -4.38 -6.96 -0.74
N TYR C 411 -5.47 -7.63 -0.37
CA TYR C 411 -5.49 -9.08 -0.43
C TYR C 411 -5.29 -9.58 -1.85
N VAL C 412 -5.96 -8.95 -2.82
CA VAL C 412 -5.79 -9.35 -4.22
C VAL C 412 -4.39 -9.04 -4.70
N VAL C 413 -3.81 -7.93 -4.25
CA VAL C 413 -2.45 -7.58 -4.64
C VAL C 413 -1.48 -8.66 -4.17
N LYS C 414 -1.61 -9.07 -2.90
CA LYS C 414 -0.75 -10.14 -2.40
C LYS C 414 -0.99 -11.44 -3.15
N LEU C 415 -2.25 -11.78 -3.40
CA LEU C 415 -2.56 -13.00 -4.14
C LEU C 415 -1.87 -13.00 -5.49
N LEU C 416 -2.01 -11.90 -6.24
CA LEU C 416 -1.42 -11.82 -7.57
C LEU C 416 0.11 -11.88 -7.50
N GLU C 417 0.71 -11.12 -6.57
CA GLU C 417 2.16 -11.11 -6.51
C GLU C 417 2.71 -12.47 -6.10
N GLU C 418 1.94 -13.24 -5.33
CA GLU C 418 2.37 -14.59 -4.97
C GLU C 418 2.17 -15.58 -6.11
N TYR C 419 1.13 -15.39 -6.92
CA TYR C 419 0.77 -16.37 -7.94
C TYR C 419 1.05 -15.91 -9.37
N ALA C 420 1.03 -14.60 -9.63
CA ALA C 420 1.43 -14.14 -10.96
C ALA C 420 2.88 -14.49 -11.24
N THR C 421 3.74 -14.36 -10.23
CA THR C 421 5.14 -14.73 -10.32
C THR C 421 5.39 -16.15 -9.79
N GLY C 422 4.42 -17.03 -9.93
CA GLY C 422 4.54 -18.39 -9.45
C GLY C 422 5.43 -19.23 -10.34
N PRO C 423 5.14 -20.53 -10.45
CA PRO C 423 5.93 -21.38 -11.35
C PRO C 423 5.58 -21.23 -12.81
N ALA C 424 4.54 -20.46 -13.15
CA ALA C 424 4.21 -20.25 -14.56
C ALA C 424 5.29 -19.45 -15.26
N VAL C 425 5.70 -18.32 -14.67
CA VAL C 425 6.73 -17.49 -15.29
C VAL C 425 8.08 -18.21 -15.26
N LEU C 426 8.35 -18.94 -14.18
CA LEU C 426 9.59 -19.71 -14.12
C LEU C 426 9.62 -20.78 -15.20
N THR C 427 8.49 -21.46 -15.44
CA THR C 427 8.42 -22.45 -16.51
C THR C 427 8.58 -21.79 -17.87
N VAL C 428 7.99 -20.60 -18.06
CA VAL C 428 8.14 -19.90 -19.32
C VAL C 428 9.60 -19.56 -19.57
N ALA C 429 10.28 -19.06 -18.54
CA ALA C 429 11.71 -18.74 -18.68
C ALA C 429 12.54 -19.99 -18.92
N LEU C 430 12.20 -21.09 -18.25
CA LEU C 430 12.92 -22.34 -18.47
C LEU C 430 12.75 -22.82 -19.90
N ILE C 431 11.54 -22.73 -20.43
CA ILE C 431 11.31 -23.13 -21.81
C ILE C 431 12.03 -22.19 -22.76
N GLU C 432 12.12 -20.91 -22.42
CA GLU C 432 12.91 -20.00 -23.25
C GLU C 432 14.37 -20.42 -23.30
N ALA C 433 14.96 -20.69 -22.13
CA ALA C 433 16.35 -21.10 -22.08
C ALA C 433 16.55 -22.41 -22.82
N VAL C 434 15.64 -23.36 -22.65
CA VAL C 434 15.75 -24.65 -23.32
C VAL C 434 15.63 -24.48 -24.83
N ALA C 435 14.69 -23.65 -25.29
CA ALA C 435 14.52 -23.45 -26.72
C ALA C 435 15.76 -22.81 -27.32
N VAL C 436 16.37 -21.88 -26.60
CA VAL C 436 17.51 -21.16 -27.18
C VAL C 436 18.82 -21.91 -26.99
N SER C 437 18.87 -22.90 -26.09
CA SER C 437 20.09 -23.69 -25.86
C SER C 437 20.07 -25.03 -26.58
N TRP C 438 19.03 -25.83 -26.34
CA TRP C 438 18.93 -27.17 -26.91
C TRP C 438 18.30 -27.16 -28.30
N PHE C 439 17.06 -26.65 -28.40
CA PHE C 439 16.37 -26.67 -29.69
C PHE C 439 17.09 -25.81 -30.71
N TYR C 440 17.47 -24.60 -30.33
CA TYR C 440 18.21 -23.72 -31.23
C TYR C 440 19.68 -24.06 -31.27
N GLY C 441 20.18 -24.81 -30.30
CA GLY C 441 21.59 -25.16 -30.26
C GLY C 441 22.40 -24.10 -29.56
N ILE C 442 23.17 -24.50 -28.55
CA ILE C 442 24.06 -23.54 -27.90
C ILE C 442 25.18 -23.12 -28.84
N THR C 443 25.60 -24.01 -29.73
CA THR C 443 26.65 -23.65 -30.68
C THR C 443 26.18 -22.54 -31.61
N GLN C 444 24.96 -22.63 -32.10
CA GLN C 444 24.45 -21.58 -32.99
C GLN C 444 24.25 -20.26 -32.24
N PHE C 445 23.78 -20.33 -30.99
CA PHE C 445 23.64 -19.11 -30.21
C PHE C 445 24.99 -18.46 -29.96
N CYS C 446 26.01 -19.27 -29.66
CA CYS C 446 27.35 -18.72 -29.46
C CYS C 446 27.91 -18.16 -30.75
N ARG C 447 27.59 -18.78 -31.88
CA ARG C 447 28.01 -18.22 -33.17
C ARG C 447 27.37 -16.86 -33.41
N ASP C 448 26.09 -16.74 -33.07
CA ASP C 448 25.41 -15.44 -33.19
C ASP C 448 26.03 -14.41 -32.27
N VAL C 449 26.34 -14.81 -31.03
CA VAL C 449 26.96 -13.88 -30.10
C VAL C 449 28.34 -13.44 -30.59
N LYS C 450 29.08 -14.36 -31.21
CA LYS C 450 30.36 -14.01 -31.80
C LYS C 450 30.17 -13.04 -32.97
N GLU C 451 29.14 -13.27 -33.79
CA GLU C 451 28.87 -12.37 -34.89
C GLU C 451 28.54 -10.96 -34.38
N MET C 452 27.86 -10.88 -33.25
CA MET C 452 27.53 -9.57 -32.69
C MET C 452 28.76 -8.92 -32.06
N LEU C 453 29.29 -9.54 -31.00
CA LEU C 453 30.37 -8.96 -30.23
C LEU C 453 31.73 -9.10 -30.92
N GLY C 454 31.95 -10.23 -31.60
CA GLY C 454 33.23 -10.55 -32.18
C GLY C 454 34.00 -11.64 -31.46
N PHE C 455 33.50 -12.08 -30.30
CA PHE C 455 34.12 -13.18 -29.57
C PHE C 455 33.02 -14.12 -29.10
N SER C 456 33.29 -15.42 -29.19
CA SER C 456 32.30 -16.40 -28.76
C SER C 456 32.26 -16.47 -27.23
N PRO C 457 31.08 -16.73 -26.66
CA PRO C 457 31.01 -16.86 -25.19
C PRO C 457 31.91 -17.97 -24.67
N GLY C 458 32.47 -17.75 -23.50
CA GLY C 458 33.37 -18.71 -22.90
C GLY C 458 32.65 -19.98 -22.49
N TRP C 459 33.44 -20.99 -22.14
CA TRP C 459 32.88 -22.27 -21.75
C TRP C 459 31.99 -22.15 -20.52
N PHE C 460 32.26 -21.17 -19.65
CA PHE C 460 31.42 -20.98 -18.48
C PHE C 460 30.00 -20.64 -18.89
N TRP C 461 29.84 -19.68 -19.80
CA TRP C 461 28.51 -19.29 -20.25
C TRP C 461 27.81 -20.41 -20.98
N ARG C 462 28.54 -21.15 -21.82
CA ARG C 462 27.95 -22.28 -22.51
C ARG C 462 27.43 -23.31 -21.52
N ILE C 463 28.25 -23.68 -20.55
CA ILE C 463 27.85 -24.68 -19.56
C ILE C 463 26.63 -24.18 -18.78
N CYS C 464 26.68 -22.92 -18.34
CA CYS C 464 25.55 -22.35 -17.63
C CYS C 464 24.27 -22.48 -18.46
N TRP C 465 24.25 -21.83 -19.62
CA TRP C 465 23.05 -21.83 -20.46
C TRP C 465 22.56 -23.24 -20.74
N VAL C 466 23.48 -24.17 -21.03
CA VAL C 466 23.06 -25.51 -21.46
C VAL C 466 22.48 -26.29 -20.29
N ALA C 467 23.13 -26.27 -19.13
CA ALA C 467 22.81 -27.20 -18.06
C ALA C 467 22.34 -26.51 -16.78
N ILE C 468 23.05 -25.48 -16.32
CA ILE C 468 22.85 -24.99 -14.96
C ILE C 468 21.69 -24.02 -14.90
N SER C 469 21.66 -23.04 -15.82
CA SER C 469 20.54 -22.10 -15.83
C SER C 469 19.21 -22.78 -16.05
N PRO C 470 19.05 -23.68 -17.02
CA PRO C 470 17.83 -24.51 -17.04
C PRO C 470 17.64 -25.29 -15.76
N LEU C 471 18.72 -25.82 -15.19
CA LEU C 471 18.61 -26.53 -13.92
C LEU C 471 18.27 -25.58 -12.78
N PHE C 472 18.79 -24.34 -12.84
CA PHE C 472 18.42 -23.32 -11.86
C PHE C 472 16.93 -23.06 -11.88
N LEU C 473 16.38 -22.81 -13.08
CA LEU C 473 14.95 -22.54 -13.20
C LEU C 473 14.13 -23.77 -12.80
N LEU C 474 14.59 -24.96 -13.17
CA LEU C 474 13.87 -26.18 -12.80
C LEU C 474 13.87 -26.37 -11.28
N PHE C 475 14.99 -26.04 -10.64
CA PHE C 475 15.06 -26.11 -9.18
C PHE C 475 14.05 -25.17 -8.55
N ILE C 476 13.96 -23.94 -9.06
CA ILE C 476 12.97 -23.01 -8.51
C ILE C 476 11.55 -23.53 -8.76
N ILE C 477 11.29 -24.05 -9.96
CA ILE C 477 9.95 -24.51 -10.29
C ILE C 477 9.55 -25.66 -9.38
N CYS C 478 10.45 -26.61 -9.17
CA CYS C 478 10.16 -27.73 -8.28
C CYS C 478 9.96 -27.23 -6.85
N SER C 479 10.77 -26.25 -6.43
CA SER C 479 10.57 -25.67 -5.11
C SER C 479 9.17 -25.09 -4.97
N PHE C 480 8.71 -24.36 -5.99
CA PHE C 480 7.40 -23.71 -5.91
C PHE C 480 6.28 -24.74 -5.94
N LEU C 481 6.42 -25.78 -6.77
CA LEU C 481 5.32 -26.72 -6.94
C LEU C 481 5.12 -27.60 -5.70
N MET C 482 6.20 -28.13 -5.14
CA MET C 482 6.11 -29.05 -4.02
C MET C 482 6.00 -28.33 -2.67
N SER C 483 5.61 -27.05 -2.67
CA SER C 483 5.44 -26.31 -1.41
C SER C 483 4.44 -25.19 -1.66
N PRO C 484 3.15 -25.48 -1.54
CA PRO C 484 2.15 -24.46 -1.83
C PRO C 484 2.27 -23.31 -0.85
N PRO C 485 1.92 -22.09 -1.27
CA PRO C 485 2.08 -20.92 -0.39
C PRO C 485 0.90 -20.80 0.57
N GLN C 486 1.19 -20.79 1.86
CA GLN C 486 0.19 -20.52 2.89
C GLN C 486 0.15 -19.03 3.20
N LEU C 487 -0.05 -18.26 2.14
CA LEU C 487 0.07 -16.81 2.23
C LEU C 487 -0.95 -16.23 3.19
N ARG C 488 -0.51 -15.23 3.96
CA ARG C 488 -1.32 -14.60 5.00
C ARG C 488 -1.05 -13.11 5.01
N LEU C 489 -2.11 -12.31 5.16
CA LEU C 489 -1.99 -10.87 5.18
C LEU C 489 -2.92 -10.29 6.24
N PHE C 490 -2.38 -9.42 7.09
CA PHE C 490 -3.17 -8.72 8.10
C PHE C 490 -4.05 -9.69 8.89
N GLN C 491 -3.40 -10.71 9.46
CA GLN C 491 -4.08 -11.72 10.28
C GLN C 491 -5.36 -12.22 9.60
N TYR C 492 -5.29 -12.40 8.28
CA TYR C 492 -6.38 -12.96 7.49
C TYR C 492 -5.84 -14.17 6.73
N ASN C 493 -6.04 -15.36 7.28
CA ASN C 493 -5.59 -16.57 6.61
C ASN C 493 -6.32 -16.73 5.29
N TYR C 494 -5.56 -16.84 4.21
CA TYR C 494 -6.16 -17.01 2.89
C TYR C 494 -6.86 -18.37 2.81
N PRO C 495 -7.98 -18.45 2.09
CA PRO C 495 -8.70 -19.72 1.98
C PRO C 495 -8.08 -20.62 0.91
N TYR C 496 -8.48 -21.89 0.95
CA TYR C 496 -7.96 -22.86 -0.02
C TYR C 496 -8.40 -22.52 -1.43
N TRP C 497 -9.65 -22.08 -1.60
CA TRP C 497 -10.10 -21.68 -2.92
C TRP C 497 -9.23 -20.58 -3.49
N SER C 498 -8.61 -19.77 -2.64
CA SER C 498 -7.63 -18.80 -3.11
C SER C 498 -6.41 -19.50 -3.70
N ILE C 499 -5.97 -20.60 -3.08
CA ILE C 499 -4.86 -21.37 -3.64
C ILE C 499 -5.26 -21.96 -4.99
N ILE C 500 -6.48 -22.46 -5.10
CA ILE C 500 -6.93 -23.01 -6.37
C ILE C 500 -7.01 -21.91 -7.43
N LEU C 501 -7.45 -20.72 -7.05
CA LEU C 501 -7.49 -19.60 -7.98
C LEU C 501 -6.09 -19.19 -8.40
N GLY C 502 -5.13 -19.25 -7.48
CA GLY C 502 -3.75 -18.97 -7.85
C GLY C 502 -3.20 -19.99 -8.82
N TYR C 503 -3.53 -21.27 -8.60
CA TYR C 503 -3.16 -22.30 -9.56
C TYR C 503 -3.78 -22.04 -10.91
N CYS C 504 -5.04 -21.60 -10.92
CA CYS C 504 -5.71 -21.26 -12.18
C CYS C 504 -5.01 -20.10 -12.86
N ILE C 505 -4.61 -19.08 -12.10
CA ILE C 505 -3.89 -17.95 -12.69
C ILE C 505 -2.58 -18.42 -13.30
N GLY C 506 -1.85 -19.25 -12.57
CA GLY C 506 -0.58 -19.73 -13.09
C GLY C 506 -0.74 -20.53 -14.37
N THR C 507 -1.71 -21.46 -14.38
CA THR C 507 -1.90 -22.28 -15.57
C THR C 507 -2.41 -21.44 -16.74
N SER C 508 -3.31 -20.48 -16.48
CA SER C 508 -3.77 -19.61 -17.55
C SER C 508 -2.61 -18.83 -18.14
N SER C 509 -1.68 -18.40 -17.29
CA SER C 509 -0.45 -17.79 -17.79
C SER C 509 0.34 -18.77 -18.64
N PHE C 510 0.45 -20.02 -18.20
CA PHE C 510 1.32 -20.99 -18.86
C PHE C 510 0.62 -21.78 -19.95
N ILE C 511 -0.71 -21.92 -19.89
CA ILE C 511 -1.42 -22.78 -20.82
C ILE C 511 -1.33 -22.28 -22.25
N CYS C 512 -0.75 -21.10 -22.48
CA CYS C 512 -0.58 -20.63 -23.85
C CYS C 512 0.46 -21.46 -24.58
N ILE C 513 1.51 -21.89 -23.90
CA ILE C 513 2.61 -22.61 -24.54
C ILE C 513 2.11 -23.96 -25.04
N PRO C 514 1.49 -24.82 -24.21
CA PRO C 514 0.98 -26.08 -24.75
C PRO C 514 -0.09 -25.90 -25.82
N THR C 515 -0.95 -24.89 -25.67
CA THR C 515 -1.99 -24.67 -26.66
C THR C 515 -1.40 -24.33 -28.01
N TYR C 516 -0.40 -23.43 -28.03
CA TYR C 516 0.21 -23.10 -29.31
C TYR C 516 1.05 -24.26 -29.84
N ILE C 517 1.66 -25.06 -28.98
CA ILE C 517 2.38 -26.23 -29.47
C ILE C 517 1.43 -27.16 -30.19
N ALA C 518 0.28 -27.45 -29.56
CA ALA C 518 -0.71 -28.31 -30.20
C ALA C 518 -1.23 -27.69 -31.49
N TYR C 519 -1.51 -26.39 -31.48
CA TYR C 519 -2.00 -25.73 -32.69
C TYR C 519 -0.99 -25.82 -33.82
N ARG C 520 0.28 -25.52 -33.52
CA ARG C 520 1.31 -25.55 -34.55
C ARG C 520 1.49 -26.96 -35.10
N LEU C 521 1.47 -27.96 -34.23
CA LEU C 521 1.55 -29.33 -34.72
C LEU C 521 0.37 -29.66 -35.61
N ILE C 522 -0.83 -29.27 -35.20
CA ILE C 522 -2.03 -29.61 -35.96
C ILE C 522 -1.97 -28.98 -37.35
N ILE C 523 -1.62 -27.70 -37.42
CA ILE C 523 -1.61 -27.00 -38.71
C ILE C 523 -0.57 -27.61 -39.64
N THR C 524 0.63 -27.86 -39.14
CA THR C 524 1.70 -28.35 -40.00
C THR C 524 1.35 -29.74 -40.51
N PRO C 525 1.50 -30.02 -41.81
CA PRO C 525 1.18 -31.34 -42.33
C PRO C 525 2.34 -32.31 -42.14
N GLY C 526 2.18 -33.51 -42.66
CA GLY C 526 3.19 -34.54 -42.58
C GLY C 526 3.04 -35.42 -41.36
N THR C 527 3.83 -36.50 -41.34
CA THR C 527 3.80 -37.42 -40.21
C THR C 527 4.26 -36.70 -38.94
N PHE C 528 4.08 -37.37 -37.81
CA PHE C 528 4.37 -36.72 -36.53
C PHE C 528 5.83 -36.32 -36.43
N LYS C 529 6.74 -37.17 -36.90
CA LYS C 529 8.15 -36.80 -36.89
C LYS C 529 8.39 -35.53 -37.69
N GLU C 530 7.92 -35.51 -38.94
CA GLU C 530 8.03 -34.30 -39.74
C GLU C 530 7.17 -33.17 -39.16
N ARG C 531 5.99 -33.51 -38.65
CA ARG C 531 5.10 -32.51 -38.07
C ARG C 531 5.79 -31.76 -36.94
N ILE C 532 6.72 -32.41 -36.24
CA ILE C 532 7.46 -31.77 -35.16
C ILE C 532 8.72 -31.09 -35.66
N ILE C 533 9.47 -31.77 -36.54
CA ILE C 533 10.74 -31.23 -37.01
C ILE C 533 10.52 -29.94 -37.80
N LYS C 534 9.51 -29.93 -38.67
CA LYS C 534 9.28 -28.76 -39.51
C LYS C 534 8.97 -27.53 -38.67
N SER C 535 8.43 -27.71 -37.46
CA SER C 535 8.08 -26.61 -36.60
C SER C 535 9.14 -26.29 -35.55
N ILE C 536 10.03 -27.23 -35.23
CA ILE C 536 11.19 -26.90 -34.39
C ILE C 536 12.18 -26.04 -35.16
N THR C 537 12.41 -26.34 -36.43
CA THR C 537 13.42 -25.64 -37.19
C THR C 537 13.02 -24.17 -37.35
N PRO C 538 13.91 -23.22 -37.10
CA PRO C 538 13.56 -21.81 -37.28
C PRO C 538 13.17 -21.52 -38.72
N GLU C 539 12.16 -20.68 -38.89
CA GLU C 539 11.68 -20.34 -40.23
C GLU C 539 12.71 -19.48 -40.95
N THR C 540 12.86 -19.73 -42.25
CA THR C 540 13.78 -18.98 -43.09
C THR C 540 13.00 -17.98 -43.94
N PRO C 541 13.15 -16.67 -43.74
CA PRO C 541 12.41 -15.70 -44.55
C PRO C 541 12.63 -15.90 -46.05
#